data_7X0M
#
_entry.id   7X0M
#
_cell.length_a   72.320
_cell.length_b   46.510
_cell.length_c   119.380
_cell.angle_alpha   90.000
_cell.angle_beta   107.610
_cell.angle_gamma   90.000
#
_symmetry.space_group_name_H-M   'P 1 21 1'
#
loop_
_entity.id
_entity.type
_entity.pdbx_description
1 polymer CbpB
2 branched beta-D-glucopyranose-(1-4)-beta-D-glucopyranose-(1-4)-beta-D-glucopyranose-(1-4)-beta-D-glucopyranose-(1-4)-beta-D-glucopyranose
3 water water
#
_entity_poly.entity_id   1
_entity_poly.type   'polypeptide(L)'
_entity_poly.pdbx_seq_one_letter_code
;SVKLTMWIMPNSDTPDQDLLKVVKPFTDANPHITVEPTVVDWSAALTKITAAATSGEAPDITQVGSTWTAAIGAMEGALV
ELTGKIDTSAFVESTLQSAYIKGTDKMFGMPWFTETRALFYRKDACEKAGVNPETDFATWDKFKDALKKLNGIEVDGKKL
AALGMPGKNDWNVVHNFSWWIYGAGGDFVNEEGTQATFSSENALKGIKFYSELAVEGLMDEPSLEKNTSDIESAFGDGAY
ATAFMGPWVISSYTKNKEENGNDLIDKIGVTMVPEGPAGRYAFMGGSNLVIFNSSKNKDEALELLKFFASKEAQVEYSKV
SKMLPVVKAAYEDPYFEDSLMKVFKEQVDKYGKHYASVPGWASAEVIFSEGLSKIWDNVMEVDGAYSYDKTVQIVKDVES
QINQILQETSK
;
_entity_poly.pdbx_strand_id   A,B
#
loop_
_chem_comp.id
_chem_comp.type
_chem_comp.name
_chem_comp.formula
BGC D-saccharide, beta linking beta-D-glucopyranose 'C6 H12 O6'
#
# COMPACT_ATOMS: atom_id res chain seq x y z
N SER A 1 -13.00 -6.65 34.63
CA SER A 1 -12.65 -6.35 33.23
C SER A 1 -11.27 -6.86 32.72
N VAL A 2 -11.26 -7.58 31.60
CA VAL A 2 -10.07 -8.21 31.02
C VAL A 2 -9.86 -7.62 29.62
N LYS A 3 -8.70 -7.01 29.41
CA LYS A 3 -8.33 -6.44 28.12
C LYS A 3 -7.32 -7.35 27.43
N LEU A 4 -7.77 -8.09 26.42
CA LEU A 4 -6.89 -8.91 25.62
C LEU A 4 -6.30 -8.06 24.50
N THR A 5 -4.99 -8.15 24.30
CA THR A 5 -4.32 -7.51 23.19
C THR A 5 -3.84 -8.54 22.19
N MET A 6 -3.84 -8.13 20.92
CA MET A 6 -3.61 -9.03 19.79
C MET A 6 -2.70 -8.38 18.78
N TRP A 7 -1.74 -9.14 18.28
CA TRP A 7 -0.94 -8.68 17.21
C TRP A 7 -1.39 -9.46 15.96
N ILE A 8 -1.68 -8.76 14.88
CA ILE A 8 -2.00 -9.39 13.63
C ILE A 8 -1.14 -8.84 12.50
N MET A 9 -0.90 -9.62 11.48
CA MET A 9 -0.25 -9.12 10.31
C MET A 9 -1.34 -8.54 9.36
N PRO A 10 -0.94 -7.80 8.32
CA PRO A 10 -2.00 -7.22 7.48
C PRO A 10 -2.74 -8.19 6.57
N ASN A 11 -3.72 -8.90 7.08
CA ASN A 11 -4.41 -9.91 6.31
C ASN A 11 -5.58 -9.42 5.44
N SER A 12 -5.96 -8.17 5.65
CA SER A 12 -7.08 -7.63 4.89
C SER A 12 -6.85 -6.14 4.67
N ASP A 13 -7.79 -5.52 3.95
CA ASP A 13 -7.58 -4.15 3.48
C ASP A 13 -7.44 -3.16 4.63
N THR A 14 -8.28 -3.29 5.66
CA THR A 14 -8.18 -2.49 6.86
C THR A 14 -8.08 -3.43 8.04
N PRO A 15 -6.87 -3.84 8.42
CA PRO A 15 -6.72 -5.05 9.25
C PRO A 15 -7.38 -4.96 10.62
N ASP A 16 -7.16 -3.86 11.36
CA ASP A 16 -7.64 -3.79 12.73
C ASP A 16 -9.17 -3.77 12.79
N GLN A 17 -9.81 -2.96 11.94
CA GLN A 17 -11.27 -2.86 11.99
C GLN A 17 -11.92 -4.11 11.43
N ASP A 18 -11.32 -4.72 10.39
CA ASP A 18 -11.84 -5.98 9.88
C ASP A 18 -11.83 -7.06 10.95
N LEU A 19 -10.75 -7.13 11.74
CA LEU A 19 -10.70 -8.10 12.83
C LEU A 19 -11.73 -7.78 13.90
N LEU A 20 -11.91 -6.51 14.21
CA LEU A 20 -12.85 -6.10 15.27
C LEU A 20 -14.29 -6.48 14.90
N LYS A 21 -14.65 -6.40 13.62
CA LYS A 21 -16.01 -6.81 13.15
C LYS A 21 -16.19 -8.30 13.35
N VAL A 22 -15.17 -9.08 13.05
CA VAL A 22 -15.24 -10.56 13.22
C VAL A 22 -15.39 -10.91 14.71
N VAL A 23 -14.67 -10.22 15.59
CA VAL A 23 -14.70 -10.57 17.00
C VAL A 23 -15.84 -9.90 17.75
N LYS A 24 -16.63 -9.06 17.09
CA LYS A 24 -17.77 -8.42 17.75
C LYS A 24 -18.72 -9.41 18.42
N PRO A 25 -19.12 -10.53 17.80
CA PRO A 25 -20.00 -11.46 18.52
C PRO A 25 -19.35 -12.07 19.75
N PHE A 26 -18.02 -12.21 19.76
CA PHE A 26 -17.35 -12.69 20.96
C PHE A 26 -17.43 -11.66 22.08
N THR A 27 -17.12 -10.39 21.77
CA THR A 27 -17.16 -9.35 22.79
C THR A 27 -18.59 -8.99 23.18
N ASP A 28 -19.57 -9.23 22.31
CA ASP A 28 -20.97 -9.08 22.71
C ASP A 28 -21.35 -10.17 23.70
N ALA A 29 -20.87 -11.40 23.47
CA ALA A 29 -21.21 -12.51 24.35
C ALA A 29 -20.45 -12.48 25.67
N ASN A 30 -19.32 -11.78 25.71
CA ASN A 30 -18.48 -11.70 26.92
C ASN A 30 -18.18 -10.25 27.24
N PRO A 31 -19.10 -9.55 27.91
CA PRO A 31 -18.90 -8.11 28.15
C PRO A 31 -17.72 -7.80 29.05
N HIS A 32 -17.19 -8.77 29.79
CA HIS A 32 -16.04 -8.54 30.65
C HIS A 32 -14.71 -8.66 29.92
N ILE A 33 -14.73 -9.00 28.62
CA ILE A 33 -13.52 -9.17 27.83
C ILE A 33 -13.56 -8.17 26.67
N THR A 34 -12.48 -7.42 26.50
CA THR A 34 -12.30 -6.58 25.33
C THR A 34 -11.11 -7.08 24.52
N VAL A 35 -11.12 -6.80 23.22
CA VAL A 35 -10.08 -7.25 22.30
C VAL A 35 -9.52 -6.03 21.58
N GLU A 36 -8.21 -5.82 21.70
CA GLU A 36 -7.54 -4.69 21.07
C GLU A 36 -6.45 -5.18 20.13
N PRO A 37 -6.69 -5.19 18.82
CA PRO A 37 -5.66 -5.63 17.88
C PRO A 37 -4.75 -4.51 17.42
N THR A 38 -3.49 -4.86 17.20
CA THR A 38 -2.50 -3.96 16.62
C THR A 38 -1.82 -4.68 15.45
N VAL A 39 -1.62 -3.95 14.36
CA VAL A 39 -1.05 -4.52 13.14
C VAL A 39 0.47 -4.44 13.18
N VAL A 40 1.12 -5.52 12.76
CA VAL A 40 2.57 -5.59 12.58
C VAL A 40 2.84 -6.06 11.16
N ASP A 41 3.62 -5.29 10.41
CA ASP A 41 3.91 -5.63 9.02
C ASP A 41 4.73 -6.90 8.93
N TRP A 42 4.59 -7.60 7.80
CA TRP A 42 5.25 -8.89 7.61
C TRP A 42 6.77 -8.78 7.69
N SER A 43 7.34 -7.69 7.19
CA SER A 43 8.79 -7.56 7.16
C SER A 43 9.39 -7.58 8.57
N ALA A 44 8.72 -6.93 9.52
CA ALA A 44 9.22 -6.80 10.88
C ALA A 44 8.63 -7.83 11.85
N ALA A 45 7.71 -8.69 11.40
CA ALA A 45 6.96 -9.52 12.31
C ALA A 45 7.85 -10.53 13.04
N LEU A 46 8.80 -11.14 12.33
CA LEU A 46 9.62 -12.17 12.97
C LEU A 46 10.49 -11.57 14.07
N THR A 47 11.15 -10.45 13.77
CA THR A 47 11.96 -9.77 14.79
C THR A 47 11.11 -9.30 15.97
N LYS A 48 9.92 -8.76 15.70
CA LYS A 48 9.10 -8.22 16.79
C LYS A 48 8.53 -9.33 17.66
N ILE A 49 8.15 -10.44 17.05
CA ILE A 49 7.62 -11.57 17.83
C ILE A 49 8.72 -12.21 18.66
N THR A 50 9.88 -12.43 18.04
CA THR A 50 11.02 -12.98 18.77
C THR A 50 11.39 -12.11 19.98
N ALA A 51 11.50 -10.80 19.77
CA ALA A 51 11.83 -9.90 20.86
C ALA A 51 10.77 -9.94 21.97
N ALA A 52 9.49 -9.99 21.58
CA ALA A 52 8.43 -10.01 22.58
C ALA A 52 8.43 -11.31 23.38
N ALA A 53 8.78 -12.42 22.74
CA ALA A 53 8.81 -13.70 23.44
C ALA A 53 9.94 -13.76 24.46
N THR A 54 10.95 -12.91 24.33
CA THR A 54 12.09 -12.87 25.25
C THR A 54 11.98 -11.75 26.27
N SER A 55 11.66 -10.54 25.81
CA SER A 55 11.71 -9.37 26.68
C SER A 55 10.62 -9.40 27.73
N GLY A 56 9.40 -9.74 27.35
CA GLY A 56 8.26 -9.70 28.25
C GLY A 56 7.26 -8.62 27.93
N GLU A 57 7.65 -7.64 27.12
CA GLU A 57 6.69 -6.64 26.64
C GLU A 57 6.01 -7.26 25.43
N ALA A 58 4.81 -7.78 25.66
CA ALA A 58 4.16 -8.65 24.69
C ALA A 58 2.65 -8.50 24.80
N PRO A 59 1.92 -8.76 23.73
CA PRO A 59 0.48 -8.89 23.82
C PRO A 59 0.12 -10.24 24.43
N ASP A 60 -1.19 -10.49 24.57
CA ASP A 60 -1.63 -11.81 25.01
C ASP A 60 -1.50 -12.83 23.88
N ILE A 61 -1.80 -12.43 22.66
CA ILE A 61 -1.90 -13.32 21.51
C ILE A 61 -1.18 -12.66 20.34
N THR A 62 -0.56 -13.48 19.49
CA THR A 62 -0.11 -12.96 18.21
C THR A 62 -0.36 -13.97 17.10
N GLN A 63 -0.65 -13.43 15.92
CA GLN A 63 -0.56 -14.19 14.69
C GLN A 63 0.90 -14.52 14.41
N VAL A 64 1.15 -15.75 13.96
CA VAL A 64 2.48 -16.16 13.52
C VAL A 64 2.33 -16.84 12.17
N GLY A 65 3.21 -16.49 11.23
CA GLY A 65 3.28 -17.21 9.98
C GLY A 65 3.45 -18.68 10.25
N SER A 66 2.73 -19.54 9.51
CA SER A 66 2.77 -20.97 9.78
C SER A 66 4.19 -21.52 9.71
N THR A 67 5.03 -20.96 8.84
CA THR A 67 6.41 -21.43 8.72
C THR A 67 7.31 -20.95 9.84
N TRP A 68 6.83 -20.07 10.71
CA TRP A 68 7.63 -19.56 11.83
C TRP A 68 7.24 -20.15 13.18
N THR A 69 6.13 -20.88 13.25
CA THR A 69 5.60 -21.30 14.54
C THR A 69 6.60 -22.14 15.33
N ALA A 70 7.31 -23.04 14.64
CA ALA A 70 8.28 -23.88 15.31
C ALA A 70 9.44 -23.07 15.89
N ALA A 71 9.87 -22.02 15.18
CA ALA A 71 10.97 -21.20 15.68
C ALA A 71 10.60 -20.51 16.98
N ILE A 72 9.38 -19.97 17.06
CA ILE A 72 8.96 -19.27 18.28
C ILE A 72 8.62 -20.28 19.37
N GLY A 73 7.97 -21.39 19.00
CA GLY A 73 7.61 -22.39 20.00
C GLY A 73 8.81 -23.04 20.64
N ALA A 74 9.93 -23.15 19.91
CA ALA A 74 11.12 -23.79 20.44
C ALA A 74 11.92 -22.90 21.39
N MET A 75 11.61 -21.62 21.47
CA MET A 75 12.24 -20.75 22.46
C MET A 75 11.64 -21.07 23.84
N GLU A 76 12.50 -21.41 24.79
CA GLU A 76 12.00 -21.92 26.07
C GLU A 76 11.17 -20.86 26.78
N GLY A 77 10.02 -21.28 27.29
CA GLY A 77 9.13 -20.39 28.01
C GLY A 77 8.52 -19.28 27.19
N ALA A 78 8.58 -19.37 25.85
CA ALA A 78 8.03 -18.29 25.02
C ALA A 78 6.52 -18.40 24.89
N LEU A 79 6.01 -19.58 24.54
CA LEU A 79 4.61 -19.76 24.17
C LEU A 79 3.93 -20.74 25.11
N VAL A 80 2.61 -20.59 25.25
CA VAL A 80 1.81 -21.57 25.95
C VAL A 80 1.69 -22.81 25.07
N GLU A 81 2.07 -23.97 25.61
CA GLU A 81 1.84 -25.22 24.90
C GLU A 81 0.35 -25.50 24.86
N LEU A 82 -0.18 -25.72 23.67
CA LEU A 82 -1.62 -25.81 23.47
C LEU A 82 -2.13 -27.24 23.38
N THR A 83 -1.23 -28.23 23.50
CA THR A 83 -1.65 -29.62 23.42
C THR A 83 -2.73 -29.91 24.45
N GLY A 84 -3.82 -30.53 24.02
CA GLY A 84 -4.93 -30.84 24.89
C GLY A 84 -5.86 -29.69 25.19
N LYS A 85 -5.41 -28.44 25.05
CA LYS A 85 -6.25 -27.28 25.34
C LYS A 85 -7.11 -26.86 24.17
N ILE A 86 -6.76 -27.24 22.95
CA ILE A 86 -7.57 -26.99 21.76
C ILE A 86 -8.03 -28.34 21.22
N ASP A 87 -9.31 -28.42 20.84
CA ASP A 87 -9.87 -29.63 20.27
C ASP A 87 -9.60 -29.60 18.76
N THR A 88 -8.59 -30.36 18.34
CA THR A 88 -8.14 -30.35 16.94
C THR A 88 -9.03 -31.14 16.00
N SER A 89 -10.00 -31.91 16.51
CA SER A 89 -10.78 -32.78 15.64
C SER A 89 -11.60 -32.01 14.60
N ALA A 90 -11.88 -30.73 14.85
CA ALA A 90 -12.63 -29.89 13.92
C ALA A 90 -11.80 -29.38 12.74
N PHE A 91 -10.47 -29.54 12.80
CA PHE A 91 -9.59 -28.88 11.85
C PHE A 91 -9.29 -29.77 10.64
N VAL A 92 -9.06 -29.11 9.50
CA VAL A 92 -8.43 -29.79 8.37
C VAL A 92 -7.08 -30.31 8.84
N GLU A 93 -6.91 -31.63 8.79
CA GLU A 93 -5.78 -32.29 9.46
C GLU A 93 -4.44 -31.80 8.92
N SER A 94 -4.36 -31.48 7.63
CA SER A 94 -3.10 -31.03 7.04
C SER A 94 -2.63 -29.72 7.66
N THR A 95 -3.55 -28.91 8.18
CA THR A 95 -3.18 -27.61 8.75
C THR A 95 -2.49 -27.73 10.10
N LEU A 96 -2.54 -28.89 10.74
CA LEU A 96 -1.93 -29.04 12.05
C LEU A 96 -0.42 -29.23 12.00
N GLN A 97 0.12 -29.65 10.86
CA GLN A 97 1.56 -29.93 10.75
C GLN A 97 2.39 -28.74 11.21
N SER A 98 2.04 -27.54 10.76
CA SER A 98 2.80 -26.35 11.12
C SER A 98 2.54 -25.89 12.55
N ALA A 99 1.52 -26.43 13.23
CA ALA A 99 1.26 -26.07 14.61
C ALA A 99 2.18 -26.79 15.60
N TYR A 100 2.82 -27.88 15.17
CA TYR A 100 3.70 -28.65 16.01
C TYR A 100 5.16 -28.37 15.63
N ILE A 101 6.05 -28.55 16.60
CA ILE A 101 7.48 -28.62 16.30
C ILE A 101 7.79 -30.03 15.80
N LYS A 102 8.32 -30.12 14.57
CA LYS A 102 8.59 -31.40 13.96
C LYS A 102 9.52 -32.24 14.82
N GLY A 103 9.27 -33.55 14.85
CA GLY A 103 10.00 -34.45 15.71
C GLY A 103 9.57 -34.43 17.15
N THR A 104 8.56 -33.64 17.50
CA THR A 104 7.99 -33.58 18.83
C THR A 104 6.48 -33.70 18.72
N ASP A 105 5.83 -33.96 19.85
CA ASP A 105 4.38 -33.92 19.93
C ASP A 105 3.87 -32.59 20.46
N LYS A 106 4.74 -31.58 20.56
CA LYS A 106 4.43 -30.32 21.22
C LYS A 106 3.73 -29.38 20.22
N MET A 107 2.55 -28.91 20.57
CA MET A 107 1.77 -28.01 19.74
C MET A 107 1.73 -26.63 20.39
N PHE A 108 2.33 -25.65 19.73
CA PHE A 108 2.44 -24.30 20.28
C PHE A 108 1.59 -23.29 19.53
N GLY A 109 0.91 -23.70 18.46
CA GLY A 109 0.07 -22.79 17.71
C GLY A 109 -1.25 -23.43 17.39
N MET A 110 -2.25 -22.58 17.13
CA MET A 110 -3.53 -23.04 16.63
C MET A 110 -3.69 -22.55 15.21
N PRO A 111 -3.98 -23.44 14.25
CA PRO A 111 -4.21 -22.99 12.88
C PRO A 111 -5.34 -21.99 12.82
N TRP A 112 -5.12 -20.91 12.07
CA TRP A 112 -6.11 -19.85 11.92
C TRP A 112 -6.63 -19.76 10.50
N PHE A 113 -5.73 -19.65 9.52
CA PHE A 113 -6.13 -19.72 8.13
C PHE A 113 -4.98 -20.31 7.32
N THR A 114 -5.29 -20.71 6.09
CA THR A 114 -4.31 -21.25 5.16
C THR A 114 -4.40 -20.46 3.86
N GLU A 115 -3.38 -20.64 3.02
CA GLU A 115 -3.37 -20.00 1.71
C GLU A 115 -2.47 -20.81 0.79
N THR A 116 -2.67 -20.59 -0.50
CA THR A 116 -1.79 -21.13 -1.52
C THR A 116 -1.71 -20.10 -2.63
N ARG A 117 -0.79 -20.32 -3.56
CA ARG A 117 -0.63 -19.45 -4.72
C ARG A 117 -1.12 -20.18 -5.95
N ALA A 118 -2.04 -19.58 -6.68
CA ALA A 118 -2.62 -20.17 -7.88
C ALA A 118 -2.31 -19.29 -9.08
N LEU A 119 -2.64 -19.79 -10.26
CA LEU A 119 -2.27 -19.16 -11.51
C LEU A 119 -3.43 -18.28 -11.97
N PHE A 120 -3.26 -16.96 -11.87
CA PHE A 120 -4.22 -16.01 -12.40
C PHE A 120 -3.93 -15.79 -13.89
N TYR A 121 -4.99 -15.59 -14.67
CA TYR A 121 -4.82 -15.34 -16.09
C TYR A 121 -5.90 -14.37 -16.57
N ARG A 122 -5.59 -13.66 -17.65
CA ARG A 122 -6.54 -12.77 -18.30
C ARG A 122 -7.28 -13.54 -19.38
N LYS A 123 -8.61 -13.61 -19.26
CA LYS A 123 -9.41 -14.32 -20.24
C LYS A 123 -9.33 -13.65 -21.61
N ASP A 124 -9.33 -12.32 -21.65
CA ASP A 124 -9.27 -11.62 -22.92
C ASP A 124 -7.91 -11.81 -23.59
N ALA A 125 -6.84 -11.83 -22.80
CA ALA A 125 -5.52 -12.11 -23.36
C ALA A 125 -5.45 -13.51 -23.95
N CYS A 126 -5.98 -14.50 -23.22
CA CYS A 126 -5.91 -15.88 -23.69
C CYS A 126 -6.71 -16.07 -24.97
N GLU A 127 -7.89 -15.44 -25.08
CA GLU A 127 -8.70 -15.63 -26.28
C GLU A 127 -8.05 -14.95 -27.47
N LYS A 128 -7.34 -13.84 -27.25
CA LYS A 128 -6.64 -13.18 -28.35
C LYS A 128 -5.43 -13.98 -28.80
N ALA A 129 -4.77 -14.68 -27.89
CA ALA A 129 -3.58 -15.46 -28.21
C ALA A 129 -3.90 -16.87 -28.68
N GLY A 130 -5.16 -17.29 -28.65
CA GLY A 130 -5.49 -18.66 -28.98
C GLY A 130 -5.12 -19.65 -27.90
N VAL A 131 -5.13 -19.22 -26.65
CA VAL A 131 -4.77 -20.07 -25.52
C VAL A 131 -6.05 -20.50 -24.82
N ASN A 132 -6.20 -21.81 -24.63
CA ASN A 132 -7.33 -22.37 -23.90
C ASN A 132 -6.92 -22.55 -22.45
N PRO A 133 -7.36 -21.69 -21.53
CA PRO A 133 -6.92 -21.80 -20.13
C PRO A 133 -7.44 -23.05 -19.43
N GLU A 134 -8.39 -23.76 -20.03
CA GLU A 134 -8.87 -25.01 -19.43
C GLU A 134 -7.82 -26.11 -19.55
N THR A 135 -7.04 -26.12 -20.64
CA THR A 135 -6.07 -27.19 -20.89
C THR A 135 -4.64 -26.73 -21.06
N ASP A 136 -4.41 -25.50 -21.54
CA ASP A 136 -3.07 -25.10 -21.97
C ASP A 136 -2.16 -24.69 -20.82
N PHE A 137 -2.64 -24.69 -19.58
CA PHE A 137 -1.80 -24.44 -18.41
C PHE A 137 -1.56 -25.70 -17.58
N ALA A 138 -1.91 -26.87 -18.10
CA ALA A 138 -1.99 -28.06 -17.26
C ALA A 138 -0.62 -28.58 -16.85
N THR A 139 0.38 -28.44 -17.70
CA THR A 139 1.70 -28.97 -17.43
C THR A 139 2.74 -27.87 -17.66
N TRP A 140 3.95 -28.10 -17.13
CA TRP A 140 5.04 -27.14 -17.33
C TRP A 140 5.22 -26.83 -18.80
N ASP A 141 5.25 -27.87 -19.63
CA ASP A 141 5.57 -27.70 -21.04
C ASP A 141 4.47 -26.92 -21.76
N LYS A 142 3.20 -27.28 -21.52
CA LYS A 142 2.11 -26.53 -22.13
C LYS A 142 2.03 -25.11 -21.59
N PHE A 143 2.27 -24.94 -20.29
CA PHE A 143 2.32 -23.61 -19.69
C PHE A 143 3.35 -22.73 -20.40
N LYS A 144 4.55 -23.28 -20.66
CA LYS A 144 5.59 -22.51 -21.32
C LYS A 144 5.20 -22.16 -22.75
N ASP A 145 4.58 -23.10 -23.47
CA ASP A 145 4.12 -22.81 -24.82
C ASP A 145 3.02 -21.76 -24.82
N ALA A 146 2.19 -21.72 -23.78
CA ALA A 146 1.16 -20.69 -23.69
C ALA A 146 1.77 -19.32 -23.47
N LEU A 147 2.81 -19.23 -22.63
CA LEU A 147 3.49 -17.96 -22.41
C LEU A 147 4.06 -17.42 -23.71
N LYS A 148 4.59 -18.29 -24.57
CA LYS A 148 5.15 -17.85 -25.85
C LYS A 148 4.07 -17.24 -26.73
N LYS A 149 2.86 -17.78 -26.69
CA LYS A 149 1.76 -17.17 -27.44
C LYS A 149 1.28 -15.89 -26.78
N LEU A 150 1.39 -15.79 -25.46
CA LEU A 150 0.90 -14.63 -24.73
C LEU A 150 1.90 -13.48 -24.67
N ASN A 151 3.18 -13.74 -24.91
CA ASN A 151 4.21 -12.72 -24.70
C ASN A 151 4.04 -11.58 -25.69
N GLY A 152 3.75 -10.39 -25.16
CA GLY A 152 3.57 -9.23 -26.01
C GLY A 152 2.21 -9.12 -26.65
N ILE A 153 1.24 -9.94 -26.23
CA ILE A 153 -0.08 -9.88 -26.85
C ILE A 153 -0.72 -8.53 -26.57
N GLU A 154 -1.36 -7.96 -27.60
CA GLU A 154 -2.00 -6.66 -27.48
C GLU A 154 -3.47 -6.87 -27.13
N VAL A 155 -3.88 -6.30 -26.00
CA VAL A 155 -5.26 -6.36 -25.54
C VAL A 155 -5.68 -4.95 -25.17
N ASP A 156 -6.78 -4.48 -25.76
CA ASP A 156 -7.18 -3.07 -25.74
C ASP A 156 -6.07 -2.32 -26.46
N GLY A 157 -5.42 -1.33 -25.84
CA GLY A 157 -4.37 -0.63 -26.54
C GLY A 157 -2.95 -1.01 -26.19
N LYS A 158 -2.74 -1.91 -25.23
CA LYS A 158 -1.42 -2.14 -24.66
C LYS A 158 -1.00 -3.59 -24.83
N LYS A 159 0.32 -3.80 -24.86
CA LYS A 159 0.90 -5.13 -24.90
C LYS A 159 1.23 -5.61 -23.49
N LEU A 160 0.87 -6.85 -23.21
CA LEU A 160 1.11 -7.48 -21.92
C LEU A 160 2.36 -8.34 -21.97
N ALA A 161 3.12 -8.33 -20.89
CA ALA A 161 4.09 -9.40 -20.68
C ALA A 161 3.36 -10.68 -20.32
N ALA A 162 3.94 -11.81 -20.70
CA ALA A 162 3.27 -13.10 -20.52
C ALA A 162 3.08 -13.41 -19.05
N LEU A 163 4.13 -13.24 -18.25
CA LEU A 163 4.09 -13.60 -16.84
C LEU A 163 4.78 -12.52 -16.02
N GLY A 164 4.11 -12.09 -14.96
CA GLY A 164 4.65 -11.09 -14.06
C GLY A 164 4.82 -11.64 -12.67
N MET A 165 6.04 -11.63 -12.15
CA MET A 165 6.32 -12.16 -10.82
C MET A 165 7.34 -11.26 -10.12
N PRO A 166 7.24 -11.12 -8.81
CA PRO A 166 8.24 -10.35 -8.06
C PRO A 166 9.51 -11.14 -7.85
N GLY A 167 10.57 -10.42 -7.51
CA GLY A 167 11.84 -11.08 -7.29
C GLY A 167 12.56 -10.77 -5.99
N LYS A 168 12.09 -9.78 -5.22
CA LYS A 168 12.92 -9.25 -4.15
C LYS A 168 12.09 -8.81 -2.95
N ASN A 169 12.77 -8.75 -1.80
CA ASN A 169 12.46 -7.86 -0.70
C ASN A 169 11.18 -8.25 0.07
N ASP A 170 10.83 -9.54 0.09
CA ASP A 170 9.87 -10.02 1.08
C ASP A 170 10.07 -11.53 1.23
N TRP A 171 9.24 -12.13 2.08
CA TRP A 171 9.33 -13.56 2.36
C TRP A 171 8.89 -14.42 1.19
N ASN A 172 8.20 -13.85 0.20
CA ASN A 172 7.65 -14.65 -0.89
C ASN A 172 8.69 -15.09 -1.90
N VAL A 173 9.94 -14.63 -1.77
CA VAL A 173 10.98 -15.05 -2.69
C VAL A 173 11.12 -16.57 -2.68
N VAL A 174 11.23 -17.15 -1.49
CA VAL A 174 11.35 -18.61 -1.40
C VAL A 174 10.01 -19.27 -1.70
N HIS A 175 8.90 -18.68 -1.23
CA HIS A 175 7.58 -19.28 -1.47
C HIS A 175 7.31 -19.44 -2.95
N ASN A 176 7.75 -18.48 -3.76
CA ASN A 176 7.50 -18.54 -5.20
C ASN A 176 8.40 -19.54 -5.93
N PHE A 177 9.54 -19.91 -5.35
CA PHE A 177 10.35 -21.01 -5.90
C PHE A 177 9.87 -22.38 -5.43
N SER A 178 9.14 -22.45 -4.31
CA SER A 178 8.92 -23.71 -3.61
C SER A 178 8.30 -24.77 -4.52
N TRP A 179 7.18 -24.45 -5.16
CA TRP A 179 6.47 -25.48 -5.91
C TRP A 179 7.13 -25.79 -7.26
N TRP A 180 8.04 -24.93 -7.74
CA TRP A 180 8.84 -25.32 -8.89
C TRP A 180 9.89 -26.36 -8.47
N ILE A 181 10.43 -26.22 -7.27
CA ILE A 181 11.37 -27.22 -6.76
C ILE A 181 10.63 -28.54 -6.47
N TYR A 182 9.46 -28.45 -5.84
CA TYR A 182 8.68 -29.66 -5.60
C TYR A 182 8.27 -30.33 -6.90
N GLY A 183 7.81 -29.54 -7.88
CA GLY A 183 7.36 -30.11 -9.13
C GLY A 183 8.46 -30.73 -9.96
N ALA A 184 9.70 -30.29 -9.76
CA ALA A 184 10.84 -30.90 -10.41
C ALA A 184 11.27 -32.20 -9.74
N GLY A 185 10.71 -32.52 -8.58
CA GLY A 185 11.15 -33.67 -7.82
C GLY A 185 12.20 -33.38 -6.78
N GLY A 186 12.30 -32.14 -6.30
CA GLY A 186 13.23 -31.75 -5.27
C GLY A 186 12.52 -31.35 -3.99
N ASP A 187 13.34 -30.98 -3.01
CA ASP A 187 12.83 -30.52 -1.71
C ASP A 187 13.89 -29.64 -1.08
N PHE A 188 13.49 -28.91 -0.03
CA PHE A 188 14.43 -28.05 0.67
C PHE A 188 15.25 -28.81 1.71
N VAL A 189 14.64 -29.77 2.40
CA VAL A 189 15.32 -30.53 3.43
C VAL A 189 15.03 -32.00 3.24
N ASN A 190 15.76 -32.84 3.98
CA ASN A 190 15.51 -34.26 4.03
C ASN A 190 14.28 -34.55 4.89
N GLU A 191 13.89 -35.83 4.90
CA GLU A 191 12.69 -36.25 5.63
C GLU A 191 12.73 -35.81 7.09
N GLU A 192 13.91 -35.87 7.72
CA GLU A 192 14.02 -35.46 9.11
C GLU A 192 13.98 -33.95 9.29
N GLY A 193 14.23 -33.18 8.23
CA GLY A 193 14.33 -31.74 8.36
C GLY A 193 15.60 -31.28 9.05
N THR A 194 16.67 -32.07 8.97
CA THR A 194 17.93 -31.77 9.63
C THR A 194 19.03 -31.35 8.68
N GLN A 195 18.82 -31.45 7.37
CA GLN A 195 19.85 -31.24 6.37
C GLN A 195 19.22 -30.61 5.15
N ALA A 196 19.87 -29.60 4.59
CA ALA A 196 19.39 -28.95 3.37
C ALA A 196 19.64 -29.84 2.16
N THR A 197 18.67 -29.86 1.23
CA THR A 197 18.79 -30.72 0.06
C THR A 197 18.41 -30.02 -1.25
N PHE A 198 18.28 -28.70 -1.28
CA PHE A 198 17.80 -28.03 -2.47
C PHE A 198 18.90 -27.73 -3.49
N SER A 199 20.09 -28.27 -3.31
CA SER A 199 21.09 -28.29 -4.37
C SER A 199 21.14 -29.64 -5.07
N SER A 200 20.15 -30.49 -4.83
CA SER A 200 20.02 -31.75 -5.56
C SER A 200 19.81 -31.51 -7.04
N GLU A 201 20.03 -32.56 -7.82
CA GLU A 201 19.86 -32.48 -9.27
C GLU A 201 18.44 -32.07 -9.65
N ASN A 202 17.44 -32.61 -8.94
CA ASN A 202 16.05 -32.27 -9.23
C ASN A 202 15.73 -30.84 -8.81
N ALA A 203 16.15 -30.44 -7.60
CA ALA A 203 15.84 -29.09 -7.13
C ALA A 203 16.41 -28.04 -8.07
N LEU A 204 17.64 -28.24 -8.54
CA LEU A 204 18.22 -27.28 -9.49
C LEU A 204 17.47 -27.27 -10.81
N LYS A 205 16.90 -28.41 -11.22
CA LYS A 205 16.11 -28.44 -12.44
C LYS A 205 14.87 -27.56 -12.33
N GLY A 206 14.22 -27.55 -11.17
CA GLY A 206 13.08 -26.66 -10.98
C GLY A 206 13.48 -25.20 -10.92
N ILE A 207 14.57 -24.91 -10.20
CA ILE A 207 15.10 -23.55 -10.14
C ILE A 207 15.50 -23.09 -11.54
N LYS A 208 16.17 -23.95 -12.30
CA LYS A 208 16.57 -23.62 -13.66
C LYS A 208 15.36 -23.33 -14.54
N PHE A 209 14.37 -24.24 -14.52
CA PHE A 209 13.20 -24.08 -15.39
C PHE A 209 12.47 -22.79 -15.10
N TYR A 210 12.26 -22.48 -13.82
CA TYR A 210 11.50 -21.29 -13.46
C TYR A 210 12.28 -20.02 -13.79
N SER A 211 13.53 -19.93 -13.31
CA SER A 211 14.30 -18.71 -13.51
C SER A 211 14.56 -18.45 -14.99
N GLU A 212 14.69 -19.50 -15.79
CA GLU A 212 14.99 -19.28 -17.21
C GLU A 212 13.75 -18.93 -18.04
N LEU A 213 12.55 -18.98 -17.45
CA LEU A 213 11.41 -18.33 -18.09
C LEU A 213 11.73 -16.86 -18.35
N ALA A 214 12.40 -16.19 -17.41
CA ALA A 214 12.78 -14.79 -17.60
C ALA A 214 13.92 -14.65 -18.60
N VAL A 215 14.90 -15.54 -18.55
CA VAL A 215 16.01 -15.49 -19.51
C VAL A 215 15.49 -15.58 -20.94
N GLU A 216 14.45 -16.38 -21.15
CA GLU A 216 13.89 -16.60 -22.49
C GLU A 216 12.86 -15.55 -22.89
N GLY A 217 12.69 -14.49 -22.11
CA GLY A 217 11.78 -13.43 -22.48
C GLY A 217 10.32 -13.52 -22.09
N LEU A 218 9.96 -14.54 -21.35
CA LEU A 218 8.57 -14.76 -21.01
C LEU A 218 8.13 -14.18 -19.68
N MET A 219 9.07 -13.82 -18.82
CA MET A 219 8.73 -13.15 -17.57
C MET A 219 9.21 -11.73 -17.63
N ASP A 220 8.42 -10.80 -17.17
CA ASP A 220 8.79 -9.43 -17.24
C ASP A 220 10.03 -9.14 -16.37
N GLU A 221 11.14 -8.78 -17.00
CA GLU A 221 12.36 -8.56 -16.24
C GLU A 221 12.25 -7.41 -15.23
N PRO A 222 11.70 -6.23 -15.57
CA PRO A 222 11.62 -5.17 -14.56
C PRO A 222 10.86 -5.56 -13.31
N SER A 223 9.89 -6.46 -13.41
CA SER A 223 9.11 -6.86 -12.24
C SER A 223 9.93 -7.67 -11.26
N LEU A 224 11.02 -8.30 -11.73
CA LEU A 224 11.88 -9.08 -10.84
C LEU A 224 12.65 -8.20 -9.85
N GLU A 225 12.72 -6.89 -10.09
CA GLU A 225 13.31 -5.98 -9.11
C GLU A 225 12.35 -5.60 -8.00
N LYS A 226 11.06 -5.93 -8.13
CA LYS A 226 10.02 -5.42 -7.25
C LYS A 226 9.56 -6.51 -6.30
N ASN A 227 8.72 -6.11 -5.33
CA ASN A 227 8.19 -7.02 -4.34
C ASN A 227 6.79 -7.48 -4.73
N THR A 228 6.22 -8.36 -3.91
CA THR A 228 4.92 -8.93 -4.21
C THR A 228 3.84 -7.86 -4.31
N SER A 229 3.85 -6.90 -3.38
CA SER A 229 2.85 -5.84 -3.40
C SER A 229 2.90 -5.06 -4.71
N ASP A 230 4.10 -4.79 -5.23
CA ASP A 230 4.19 -4.03 -6.48
C ASP A 230 3.62 -4.82 -7.65
N ILE A 231 3.87 -6.13 -7.67
CA ILE A 231 3.46 -6.92 -8.84
C ILE A 231 1.96 -7.23 -8.79
N GLU A 232 1.39 -7.41 -7.60
CA GLU A 232 -0.04 -7.63 -7.51
C GLU A 232 -0.83 -6.43 -8.04
N SER A 233 -0.41 -5.21 -7.69
CA SER A 233 -1.10 -4.04 -8.18
C SER A 233 -0.87 -3.86 -9.68
N ALA A 234 0.33 -4.18 -10.16
CA ALA A 234 0.59 -4.12 -11.59
C ALA A 234 -0.35 -5.06 -12.36
N PHE A 235 -0.56 -6.28 -11.84
CA PHE A 235 -1.51 -7.18 -12.48
C PHE A 235 -2.93 -6.61 -12.44
N GLY A 236 -3.30 -5.97 -11.32
CA GLY A 236 -4.61 -5.36 -11.22
C GLY A 236 -4.80 -4.17 -12.13
N ASP A 237 -3.71 -3.58 -12.62
CA ASP A 237 -3.75 -2.51 -13.60
C ASP A 237 -3.60 -3.03 -15.02
N GLY A 238 -3.49 -4.35 -15.20
CA GLY A 238 -3.50 -4.94 -16.51
C GLY A 238 -2.15 -5.18 -17.16
N ALA A 239 -1.06 -5.25 -16.39
CA ALA A 239 0.27 -5.31 -16.98
C ALA A 239 0.66 -6.69 -17.50
N TYR A 240 0.04 -7.77 -17.02
CA TYR A 240 0.50 -9.11 -17.36
C TYR A 240 -0.65 -10.01 -17.74
N ALA A 241 -0.36 -10.98 -18.61
CA ALA A 241 -1.36 -11.98 -18.98
C ALA A 241 -1.58 -13.00 -17.86
N THR A 242 -0.53 -13.34 -17.11
CA THR A 242 -0.64 -14.31 -16.01
C THR A 242 0.26 -13.87 -14.85
N ALA A 243 -0.04 -14.44 -13.68
CA ALA A 243 0.75 -14.25 -12.47
C ALA A 243 0.31 -15.27 -11.43
N PHE A 244 1.27 -15.70 -10.61
CA PHE A 244 1.00 -16.59 -9.48
C PHE A 244 0.80 -15.74 -8.23
N MET A 245 -0.39 -15.81 -7.64
CA MET A 245 -0.72 -14.92 -6.53
C MET A 245 -1.60 -15.64 -5.53
N GLY A 246 -1.62 -15.09 -4.31
CA GLY A 246 -2.52 -15.57 -3.29
C GLY A 246 -3.93 -15.08 -3.50
N PRO A 247 -4.86 -15.65 -2.74
CA PRO A 247 -6.28 -15.30 -2.93
C PRO A 247 -6.63 -13.91 -2.48
N TRP A 248 -5.80 -13.28 -1.64
CA TRP A 248 -6.12 -11.98 -1.08
C TRP A 248 -6.21 -10.88 -2.13
N VAL A 249 -5.56 -11.05 -3.29
CA VAL A 249 -5.58 -10.02 -4.31
C VAL A 249 -6.99 -9.79 -4.83
N ILE A 250 -7.87 -10.78 -4.70
CA ILE A 250 -9.26 -10.63 -5.15
C ILE A 250 -9.95 -9.50 -4.39
N SER A 251 -9.65 -9.36 -3.09
CA SER A 251 -10.20 -8.25 -2.33
C SER A 251 -9.82 -6.91 -2.95
N SER A 252 -8.56 -6.75 -3.32
CA SER A 252 -8.09 -5.47 -3.83
C SER A 252 -8.62 -5.19 -5.24
N TYR A 253 -8.70 -6.23 -6.08
CA TYR A 253 -9.21 -6.04 -7.42
C TYR A 253 -10.71 -5.72 -7.40
N THR A 254 -11.45 -6.31 -6.46
CA THR A 254 -12.86 -5.99 -6.32
C THR A 254 -13.06 -4.54 -5.89
N LYS A 255 -12.26 -4.09 -4.92
CA LYS A 255 -12.31 -2.70 -4.51
C LYS A 255 -11.99 -1.75 -5.66
N ASN A 256 -11.02 -2.11 -6.49
CA ASN A 256 -10.65 -1.25 -7.62
C ASN A 256 -11.83 -1.02 -8.54
N LYS A 257 -12.65 -2.05 -8.76
CA LYS A 257 -13.84 -1.87 -9.59
C LYS A 257 -14.84 -0.94 -8.91
N GLU A 258 -15.07 -1.13 -7.60
CA GLU A 258 -16.06 -0.30 -6.92
C GLU A 258 -15.63 1.16 -6.84
N GLU A 259 -14.32 1.41 -6.75
CA GLU A 259 -13.81 2.76 -6.51
C GLU A 259 -13.33 3.47 -7.78
N ASN A 260 -12.69 2.76 -8.70
CA ASN A 260 -12.05 3.40 -9.84
C ASN A 260 -12.65 3.00 -11.19
N GLY A 261 -13.67 2.15 -11.21
CA GLY A 261 -14.17 1.64 -12.47
C GLY A 261 -13.25 0.68 -13.18
N ASN A 262 -12.22 0.19 -12.49
CA ASN A 262 -11.29 -0.76 -13.06
C ASN A 262 -11.95 -2.13 -13.18
N ASP A 263 -12.10 -2.62 -14.42
CA ASP A 263 -12.85 -3.83 -14.70
C ASP A 263 -11.99 -5.09 -14.71
N LEU A 264 -10.76 -5.01 -14.19
CA LEU A 264 -9.84 -6.15 -14.26
C LEU A 264 -10.45 -7.40 -13.62
N ILE A 265 -11.16 -7.24 -12.50
CA ILE A 265 -11.71 -8.40 -11.79
C ILE A 265 -12.68 -9.20 -12.65
N ASP A 266 -13.33 -8.55 -13.62
CA ASP A 266 -14.25 -9.26 -14.51
C ASP A 266 -13.54 -9.94 -15.68
N LYS A 267 -12.22 -9.74 -15.83
CA LYS A 267 -11.49 -10.26 -16.98
C LYS A 267 -10.56 -11.41 -16.62
N ILE A 268 -10.60 -11.91 -15.40
CA ILE A 268 -9.59 -12.87 -14.94
C ILE A 268 -10.23 -14.17 -14.53
N GLY A 269 -9.43 -15.24 -14.63
CA GLY A 269 -9.77 -16.50 -14.03
C GLY A 269 -8.57 -17.05 -13.28
N VAL A 270 -8.79 -18.15 -12.57
CA VAL A 270 -7.73 -18.78 -11.78
C VAL A 270 -7.75 -20.27 -12.05
N THR A 271 -6.56 -20.86 -12.15
CA THR A 271 -6.42 -22.29 -12.28
C THR A 271 -5.26 -22.71 -11.39
N MET A 272 -5.13 -24.02 -11.22
CA MET A 272 -4.06 -24.54 -10.39
C MET A 272 -2.72 -24.40 -11.09
N VAL A 273 -1.66 -24.49 -10.31
CA VAL A 273 -0.30 -24.37 -10.84
C VAL A 273 -0.06 -25.51 -11.82
N PRO A 274 0.74 -25.30 -12.86
CA PRO A 274 0.99 -26.38 -13.83
C PRO A 274 1.67 -27.57 -13.16
N GLU A 275 1.39 -28.75 -13.69
CA GLU A 275 1.95 -29.98 -13.17
C GLU A 275 3.35 -30.19 -13.73
N GLY A 276 4.30 -30.49 -12.85
CA GLY A 276 5.66 -30.77 -13.25
C GLY A 276 5.96 -32.25 -13.37
N PRO A 277 7.22 -32.60 -13.65
CA PRO A 277 7.56 -34.02 -13.84
C PRO A 277 7.42 -34.87 -12.60
N ALA A 278 7.37 -34.26 -11.41
CA ALA A 278 7.15 -35.00 -10.18
C ALA A 278 5.68 -35.22 -9.86
N GLY A 279 4.79 -34.63 -10.65
CA GLY A 279 3.39 -34.48 -10.28
C GLY A 279 3.13 -33.06 -9.83
N ARG A 280 1.87 -32.79 -9.48
CA ARG A 280 1.46 -31.45 -9.11
C ARG A 280 1.73 -31.21 -7.62
N TYR A 281 2.41 -30.11 -7.31
CA TYR A 281 2.63 -29.67 -5.95
C TYR A 281 2.35 -28.18 -5.88
N ALA A 282 1.94 -27.73 -4.70
CA ALA A 282 1.58 -26.34 -4.50
C ALA A 282 2.14 -25.86 -3.17
N PHE A 283 2.42 -24.57 -3.11
CA PHE A 283 2.85 -23.98 -1.85
C PHE A 283 1.68 -23.98 -0.87
N MET A 284 1.93 -24.43 0.36
CA MET A 284 0.93 -24.34 1.41
C MET A 284 1.47 -23.46 2.52
N GLY A 285 0.76 -22.37 2.79
CA GLY A 285 1.14 -21.43 3.82
C GLY A 285 -0.01 -21.22 4.78
N GLY A 286 -0.05 -20.04 5.36
CA GLY A 286 -1.08 -19.68 6.30
C GLY A 286 -0.48 -19.15 7.58
N SER A 287 -1.34 -18.96 8.58
CA SER A 287 -0.92 -18.39 9.85
C SER A 287 -1.57 -19.17 10.98
N ASN A 288 -0.87 -19.22 12.10
CA ASN A 288 -1.39 -19.77 13.34
C ASN A 288 -1.58 -18.64 14.35
N LEU A 289 -2.31 -18.93 15.41
CA LEU A 289 -2.41 -18.04 16.55
C LEU A 289 -1.72 -18.71 17.73
N VAL A 290 -0.98 -17.91 18.50
CA VAL A 290 -0.27 -18.40 19.67
C VAL A 290 -0.59 -17.50 20.85
N ILE A 291 -0.38 -18.04 22.04
CA ILE A 291 -0.52 -17.30 23.28
C ILE A 291 0.85 -17.18 23.91
N PHE A 292 1.24 -15.96 24.24
CA PHE A 292 2.54 -15.76 24.89
C PHE A 292 2.48 -16.31 26.30
N ASN A 293 3.59 -16.93 26.72
CA ASN A 293 3.66 -17.46 28.07
C ASN A 293 3.57 -16.37 29.12
N SER A 294 3.91 -15.13 28.76
CA SER A 294 3.85 -14.00 29.67
C SER A 294 2.44 -13.46 29.85
N SER A 295 1.44 -14.03 29.18
CA SER A 295 0.04 -13.57 29.32
C SER A 295 -0.48 -13.73 30.75
N LYS A 296 -1.13 -12.69 31.27
CA LYS A 296 -1.69 -12.73 32.64
C LYS A 296 -3.15 -13.16 32.56
N ASN A 297 -3.63 -13.41 31.34
CA ASN A 297 -5.04 -13.80 31.12
C ASN A 297 -5.08 -14.93 30.08
N LYS A 298 -4.50 -16.07 30.43
CA LYS A 298 -4.40 -17.17 29.47
C LYS A 298 -5.75 -17.87 29.26
N ASP A 299 -6.60 -17.89 30.28
CA ASP A 299 -7.90 -18.53 30.14
C ASP A 299 -8.80 -17.77 29.18
N GLU A 300 -8.83 -16.44 29.30
CA GLU A 300 -9.60 -15.63 28.35
C GLU A 300 -8.97 -15.68 26.97
N ALA A 301 -7.63 -15.64 26.91
CA ALA A 301 -6.95 -15.77 25.62
C ALA A 301 -7.30 -17.08 24.95
N LEU A 302 -7.43 -18.16 25.73
CA LEU A 302 -7.82 -19.44 25.16
C LEU A 302 -9.25 -19.40 24.63
N GLU A 303 -10.14 -18.71 25.34
CA GLU A 303 -11.51 -18.57 24.85
C GLU A 303 -11.56 -17.84 23.52
N LEU A 304 -10.67 -16.86 23.33
CA LEU A 304 -10.66 -16.11 22.09
C LEU A 304 -10.14 -16.97 20.94
N LEU A 305 -9.07 -17.74 21.18
CA LEU A 305 -8.58 -18.66 20.15
C LEU A 305 -9.66 -19.62 19.72
N LYS A 306 -10.40 -20.17 20.68
CA LYS A 306 -11.50 -21.07 20.35
C LYS A 306 -12.55 -20.38 19.51
N PHE A 307 -12.82 -19.10 19.79
CA PHE A 307 -13.77 -18.36 18.98
C PHE A 307 -13.29 -18.25 17.54
N PHE A 308 -12.02 -17.90 17.36
CA PHE A 308 -11.47 -17.77 16.00
C PHE A 308 -11.55 -19.08 15.25
N ALA A 309 -11.56 -20.21 15.97
CA ALA A 309 -11.72 -21.52 15.36
C ALA A 309 -13.17 -21.91 15.14
N SER A 310 -14.13 -21.14 15.64
CA SER A 310 -15.53 -21.48 15.45
C SER A 310 -15.92 -21.33 13.99
N LYS A 311 -16.94 -22.10 13.60
CA LYS A 311 -17.37 -22.17 12.20
C LYS A 311 -17.64 -20.78 11.63
N GLU A 312 -18.44 -19.97 12.32
CA GLU A 312 -18.84 -18.68 11.76
C GLU A 312 -17.69 -17.66 11.75
N ALA A 313 -16.84 -17.68 12.78
CA ALA A 313 -15.68 -16.80 12.75
C ALA A 313 -14.76 -17.14 11.59
N GLN A 314 -14.63 -18.44 11.28
CA GLN A 314 -13.81 -18.85 10.15
C GLN A 314 -14.40 -18.37 8.84
N VAL A 315 -15.73 -18.50 8.69
CA VAL A 315 -16.39 -18.05 7.47
C VAL A 315 -16.24 -16.53 7.31
N GLU A 316 -16.45 -15.79 8.38
CA GLU A 316 -16.46 -14.32 8.27
C GLU A 316 -15.08 -13.76 7.98
N TYR A 317 -14.04 -14.29 8.63
CA TYR A 317 -12.70 -13.81 8.32
C TYR A 317 -12.26 -14.21 6.92
N SER A 318 -12.75 -15.36 6.43
CA SER A 318 -12.44 -15.76 5.06
C SER A 318 -13.10 -14.82 4.05
N LYS A 319 -14.33 -14.36 4.34
CA LYS A 319 -15.01 -13.47 3.41
C LYS A 319 -14.28 -12.16 3.24
N VAL A 320 -13.72 -11.61 4.32
CA VAL A 320 -13.05 -10.32 4.23
C VAL A 320 -11.60 -10.46 3.77
N SER A 321 -10.90 -11.49 4.26
CA SER A 321 -9.48 -11.64 3.97
C SER A 321 -9.18 -12.44 2.71
N LYS A 322 -10.12 -13.27 2.26
CA LYS A 322 -9.96 -14.27 1.20
C LYS A 322 -9.02 -15.40 1.59
N MET A 323 -8.52 -15.42 2.82
CA MET A 323 -7.75 -16.57 3.27
C MET A 323 -8.65 -17.79 3.43
N LEU A 324 -8.04 -18.97 3.45
CA LEU A 324 -8.82 -20.19 3.52
C LEU A 324 -9.03 -20.62 4.97
N PRO A 325 -10.24 -21.04 5.31
CA PRO A 325 -10.48 -21.58 6.65
C PRO A 325 -9.70 -22.86 6.91
N VAL A 326 -9.37 -23.08 8.18
CA VAL A 326 -8.71 -24.30 8.62
C VAL A 326 -9.68 -25.26 9.30
N VAL A 327 -10.95 -24.88 9.44
CA VAL A 327 -11.96 -25.69 10.09
C VAL A 327 -12.86 -26.29 9.02
N LYS A 328 -13.02 -27.62 9.06
CA LYS A 328 -13.73 -28.34 8.00
C LYS A 328 -15.14 -27.78 7.79
N ALA A 329 -15.87 -27.55 8.88
CA ALA A 329 -17.28 -27.19 8.77
C ALA A 329 -17.52 -25.83 8.12
N ALA A 330 -16.50 -24.97 8.05
CA ALA A 330 -16.68 -23.67 7.40
C ALA A 330 -17.00 -23.82 5.92
N TYR A 331 -16.55 -24.90 5.29
CA TYR A 331 -16.73 -25.08 3.86
C TYR A 331 -18.13 -25.58 3.50
N GLU A 332 -19.01 -25.76 4.48
CA GLU A 332 -20.42 -25.98 4.19
C GLU A 332 -21.16 -24.69 3.85
N ASP A 333 -20.53 -23.53 4.07
CA ASP A 333 -21.21 -22.27 3.84
C ASP A 333 -21.35 -22.00 2.35
N PRO A 334 -22.49 -21.49 1.89
CA PRO A 334 -22.67 -21.26 0.45
C PRO A 334 -21.66 -20.30 -0.15
N TYR A 335 -20.95 -19.53 0.66
CA TYR A 335 -19.98 -18.61 0.09
C TYR A 335 -18.87 -19.32 -0.69
N PHE A 336 -18.53 -20.55 -0.29
CA PHE A 336 -17.40 -21.31 -0.85
C PHE A 336 -17.76 -22.06 -2.11
N GLU A 337 -18.86 -21.64 -2.70
CA GLU A 337 -19.42 -21.98 -4.00
C GLU A 337 -18.84 -21.10 -5.08
N ASP A 338 -18.10 -20.06 -4.69
CA ASP A 338 -17.43 -19.17 -5.62
C ASP A 338 -16.35 -19.88 -6.43
N SER A 339 -16.40 -19.68 -7.75
CA SER A 339 -15.55 -20.43 -8.66
C SER A 339 -14.08 -20.15 -8.43
N LEU A 340 -13.72 -18.92 -8.06
CA LEU A 340 -12.30 -18.60 -7.87
C LEU A 340 -11.79 -19.23 -6.57
N MET A 341 -12.51 -19.04 -5.47
CA MET A 341 -12.04 -19.55 -4.18
C MET A 341 -11.92 -21.06 -4.18
N LYS A 342 -12.83 -21.75 -4.88
CA LYS A 342 -12.81 -23.22 -4.89
C LYS A 342 -11.52 -23.76 -5.48
N VAL A 343 -10.88 -23.00 -6.37
CA VAL A 343 -9.62 -23.43 -6.96
C VAL A 343 -8.52 -23.45 -5.90
N PHE A 344 -8.46 -22.42 -5.07
CA PHE A 344 -7.47 -22.38 -4.00
C PHE A 344 -7.69 -23.52 -3.01
N LYS A 345 -8.95 -23.80 -2.67
CA LYS A 345 -9.24 -24.87 -1.73
C LYS A 345 -8.87 -26.23 -2.32
N GLU A 346 -9.26 -26.48 -3.57
CA GLU A 346 -8.95 -27.76 -4.20
C GLU A 346 -7.44 -27.94 -4.35
N GLN A 347 -6.72 -26.88 -4.68
CA GLN A 347 -5.28 -27.00 -4.88
C GLN A 347 -4.57 -27.33 -3.58
N VAL A 348 -4.89 -26.62 -2.50
CA VAL A 348 -4.15 -26.82 -1.27
C VAL A 348 -4.50 -28.16 -0.63
N ASP A 349 -5.75 -28.62 -0.79
CA ASP A 349 -6.14 -29.92 -0.25
C ASP A 349 -5.42 -31.06 -0.96
N LYS A 350 -5.44 -31.04 -2.29
CA LYS A 350 -4.89 -32.16 -3.05
C LYS A 350 -3.37 -32.11 -3.16
N TYR A 351 -2.79 -30.91 -3.25
CA TYR A 351 -1.41 -30.77 -3.66
C TYR A 351 -0.56 -29.89 -2.75
N GLY A 352 -1.13 -29.32 -1.70
CA GLY A 352 -0.38 -28.39 -0.87
C GLY A 352 0.72 -29.09 -0.09
N LYS A 353 1.91 -28.50 -0.11
CA LYS A 353 3.06 -29.01 0.64
C LYS A 353 3.59 -27.87 1.48
N HIS A 354 3.73 -28.10 2.78
CA HIS A 354 4.26 -27.13 3.73
C HIS A 354 5.70 -27.45 4.05
N TYR A 355 6.49 -26.41 4.31
CA TYR A 355 7.88 -26.60 4.72
C TYR A 355 7.94 -27.41 6.01
N ALA A 356 9.10 -28.05 6.23
CA ALA A 356 9.34 -28.72 7.50
C ALA A 356 9.21 -27.72 8.65
N SER A 357 8.46 -28.11 9.68
CA SER A 357 8.18 -27.22 10.80
C SER A 357 9.28 -27.38 11.86
N VAL A 358 10.46 -26.92 11.49
CA VAL A 358 11.66 -27.07 12.34
C VAL A 358 12.05 -25.70 12.88
N PRO A 359 12.70 -25.63 14.05
CA PRO A 359 12.98 -24.32 14.66
C PRO A 359 13.87 -23.42 13.81
N GLY A 360 14.78 -23.98 13.02
CA GLY A 360 15.64 -23.13 12.24
C GLY A 360 15.03 -22.59 10.97
N TRP A 361 13.78 -22.95 10.66
CA TRP A 361 13.25 -22.61 9.34
C TRP A 361 13.01 -21.12 9.20
N ALA A 362 12.56 -20.45 10.26
CA ALA A 362 12.34 -19.00 10.15
C ALA A 362 13.64 -18.28 9.81
N SER A 363 14.74 -18.64 10.48
CA SER A 363 16.04 -18.08 10.14
C SER A 363 16.43 -18.42 8.71
N ALA A 364 16.14 -19.65 8.26
CA ALA A 364 16.47 -20.05 6.90
C ALA A 364 15.76 -19.20 5.87
N GLU A 365 14.53 -18.76 6.16
CA GLU A 365 13.79 -17.95 5.21
C GLU A 365 14.49 -16.62 4.94
N VAL A 366 15.11 -16.03 5.96
CA VAL A 366 15.92 -14.83 5.74
C VAL A 366 17.06 -15.14 4.79
N ILE A 367 17.67 -16.32 4.94
CA ILE A 367 18.79 -16.72 4.09
C ILE A 367 18.31 -16.95 2.66
N PHE A 368 17.18 -17.64 2.50
CA PHE A 368 16.60 -17.86 1.18
C PHE A 368 16.30 -16.54 0.47
N SER A 369 15.64 -15.61 1.17
CA SER A 369 15.30 -14.32 0.60
C SER A 369 16.51 -13.66 -0.06
N GLU A 370 17.59 -13.52 0.70
CA GLU A 370 18.83 -12.96 0.16
C GLU A 370 19.33 -13.77 -1.03
N GLY A 371 19.47 -15.09 -0.84
CA GLY A 371 20.22 -15.88 -1.80
C GLY A 371 19.46 -16.11 -3.10
N LEU A 372 18.18 -16.48 -2.98
CA LEU A 372 17.40 -16.72 -4.20
C LEU A 372 17.20 -15.44 -5.00
N SER A 373 17.24 -14.28 -4.35
CA SER A 373 17.16 -12.99 -5.06
C SER A 373 18.41 -12.73 -5.93
N LYS A 374 19.56 -13.28 -5.54
CA LYS A 374 20.78 -13.19 -6.35
C LYS A 374 20.65 -13.96 -7.64
N ILE A 375 19.81 -14.99 -7.63
CA ILE A 375 19.53 -15.71 -8.86
C ILE A 375 18.82 -14.74 -9.83
N TRP A 376 17.91 -13.93 -9.31
CA TRP A 376 17.26 -12.97 -10.20
C TRP A 376 18.23 -11.89 -10.66
N ASP A 377 19.17 -11.48 -9.82
CA ASP A 377 20.22 -10.56 -10.26
C ASP A 377 21.03 -11.17 -11.39
N ASN A 378 21.31 -12.47 -11.29
CA ASN A 378 22.02 -13.18 -12.35
C ASN A 378 21.19 -13.20 -13.63
N VAL A 379 19.91 -13.58 -13.53
CA VAL A 379 19.02 -13.60 -14.69
C VAL A 379 18.94 -12.22 -15.32
N MET A 380 18.84 -11.17 -14.50
CA MET A 380 18.71 -9.81 -15.00
C MET A 380 20.02 -9.24 -15.52
N GLU A 381 21.13 -9.96 -15.36
CA GLU A 381 22.42 -9.57 -15.92
C GLU A 381 22.87 -8.20 -15.42
N VAL A 382 22.67 -7.94 -14.12
CA VAL A 382 23.15 -6.69 -13.56
C VAL A 382 24.67 -6.71 -13.41
N ASP A 383 25.27 -7.88 -13.22
CA ASP A 383 26.72 -8.04 -13.12
C ASP A 383 27.14 -9.16 -14.08
N GLY A 384 27.17 -8.85 -15.37
CA GLY A 384 27.64 -9.78 -16.38
C GLY A 384 26.52 -10.60 -16.99
N ALA A 385 26.87 -11.33 -18.05
CA ALA A 385 25.91 -12.18 -18.74
C ALA A 385 25.36 -13.25 -17.81
N TYR A 386 24.12 -13.66 -18.06
CA TYR A 386 23.51 -14.73 -17.26
C TYR A 386 24.32 -16.02 -17.41
N SER A 387 24.53 -16.75 -16.33
CA SER A 387 25.18 -18.07 -16.36
C SER A 387 24.47 -18.99 -15.37
N TYR A 388 24.03 -20.14 -15.85
CA TYR A 388 23.41 -21.12 -14.97
C TYR A 388 24.40 -21.62 -13.93
N ASP A 389 25.68 -21.65 -14.30
CA ASP A 389 26.67 -22.06 -13.32
C ASP A 389 26.73 -21.10 -12.14
N LYS A 390 26.49 -19.80 -12.37
CA LYS A 390 26.42 -18.86 -11.27
C LYS A 390 25.22 -19.16 -10.37
N THR A 391 24.10 -19.55 -10.96
CA THR A 391 22.96 -19.98 -10.16
C THR A 391 23.34 -21.17 -9.29
N VAL A 392 24.03 -22.16 -9.88
CA VAL A 392 24.46 -23.34 -9.12
C VAL A 392 25.34 -22.92 -7.94
N GLN A 393 26.26 -22.00 -8.18
CA GLN A 393 27.16 -21.55 -7.13
C GLN A 393 26.39 -20.83 -6.02
N ILE A 394 25.38 -20.04 -6.40
CA ILE A 394 24.58 -19.34 -5.40
C ILE A 394 23.82 -20.33 -4.52
N VAL A 395 23.20 -21.33 -5.15
CA VAL A 395 22.42 -22.30 -4.39
C VAL A 395 23.34 -23.12 -3.48
N LYS A 396 24.53 -23.48 -3.96
CA LYS A 396 25.48 -24.20 -3.13
C LYS A 396 25.87 -23.38 -1.90
N ASP A 397 26.07 -22.07 -2.08
CA ASP A 397 26.45 -21.22 -0.94
C ASP A 397 25.29 -21.08 0.04
N VAL A 398 24.06 -20.95 -0.47
CA VAL A 398 22.89 -20.88 0.39
C VAL A 398 22.72 -22.19 1.16
N GLU A 399 22.92 -23.32 0.49
CA GLU A 399 22.73 -24.62 1.13
C GLU A 399 23.69 -24.82 2.30
N SER A 400 24.96 -24.43 2.11
CA SER A 400 25.94 -24.58 3.19
C SER A 400 25.55 -23.77 4.41
N GLN A 401 25.10 -22.53 4.21
CA GLN A 401 24.71 -21.70 5.35
C GLN A 401 23.50 -22.26 6.09
N ILE A 402 22.48 -22.74 5.35
CA ILE A 402 21.31 -23.30 6.01
C ILE A 402 21.67 -24.56 6.77
N ASN A 403 22.59 -25.36 6.23
CA ASN A 403 23.03 -26.54 6.95
C ASN A 403 23.65 -26.18 8.30
N GLN A 404 24.43 -25.09 8.35
CA GLN A 404 24.94 -24.64 9.64
C GLN A 404 23.81 -24.21 10.57
N ILE A 405 22.78 -23.56 10.02
CA ILE A 405 21.66 -23.11 10.84
C ILE A 405 20.90 -24.30 11.39
N LEU A 406 20.57 -25.26 10.54
CA LEU A 406 19.88 -26.47 10.97
C LEU A 406 20.74 -27.24 11.97
N SER B 1 -19.51 7.26 30.35
CA SER B 1 -18.35 7.07 29.48
C SER B 1 -18.71 7.37 28.03
N VAL B 2 -17.73 7.86 27.27
CA VAL B 2 -17.94 8.26 25.89
C VAL B 2 -16.95 7.52 24.99
N LYS B 3 -17.47 6.82 23.98
CA LYS B 3 -16.65 6.22 22.94
C LYS B 3 -16.78 7.09 21.70
N LEU B 4 -15.74 7.87 21.41
CA LEU B 4 -15.71 8.69 20.21
C LEU B 4 -15.18 7.87 19.04
N THR B 5 -15.87 7.95 17.91
CA THR B 5 -15.41 7.31 16.68
C THR B 5 -14.93 8.39 15.73
N MET B 6 -13.86 8.07 15.00
CA MET B 6 -13.15 9.03 14.17
C MET B 6 -12.77 8.35 12.88
N TRP B 7 -13.08 8.99 11.75
CA TRP B 7 -12.57 8.55 10.46
C TRP B 7 -11.33 9.36 10.11
N ILE B 8 -10.27 8.67 9.72
CA ILE B 8 -9.07 9.31 9.19
C ILE B 8 -8.75 8.70 7.84
N MET B 9 -8.07 9.47 7.02
CA MET B 9 -7.45 8.96 5.81
C MET B 9 -6.08 8.42 6.15
N PRO B 10 -5.44 7.67 5.24
CA PRO B 10 -4.15 7.05 5.59
C PRO B 10 -3.02 8.07 5.55
N ASN B 11 -2.83 8.81 6.64
CA ASN B 11 -1.84 9.87 6.73
C ASN B 11 -0.46 9.39 7.14
N SER B 12 -0.33 8.14 7.59
CA SER B 12 0.95 7.63 8.04
C SER B 12 1.01 6.13 7.75
N ASP B 13 2.14 5.52 8.12
CA ASP B 13 2.40 4.15 7.68
C ASP B 13 1.38 3.16 8.23
N THR B 14 1.05 3.28 9.51
CA THR B 14 -0.01 2.49 10.14
C THR B 14 -0.97 3.50 10.76
N PRO B 15 -1.98 3.95 10.01
CA PRO B 15 -2.69 5.19 10.40
C PRO B 15 -3.41 5.12 11.72
N ASP B 16 -4.18 4.06 11.97
CA ASP B 16 -4.96 3.99 13.20
C ASP B 16 -4.05 3.86 14.43
N GLN B 17 -3.00 3.05 14.33
CA GLN B 17 -2.12 2.86 15.48
C GLN B 17 -1.26 4.09 15.73
N ASP B 18 -0.80 4.75 14.66
CA ASP B 18 -0.08 6.01 14.84
C ASP B 18 -0.97 7.06 15.50
N LEU B 19 -2.24 7.12 15.09
CA LEU B 19 -3.16 8.10 15.67
C LEU B 19 -3.43 7.81 17.14
N LEU B 20 -3.58 6.53 17.51
CA LEU B 20 -3.86 6.21 18.90
C LEU B 20 -2.68 6.56 19.80
N LYS B 21 -1.46 6.39 19.29
CA LYS B 21 -0.26 6.79 20.02
C LYS B 21 -0.29 8.28 20.34
N VAL B 22 -0.77 9.09 19.39
CA VAL B 22 -0.80 10.54 19.60
C VAL B 22 -1.88 10.93 20.62
N VAL B 23 -3.01 10.23 20.62
CA VAL B 23 -4.10 10.57 21.54
C VAL B 23 -3.96 9.90 22.90
N LYS B 24 -2.94 9.07 23.10
CA LYS B 24 -2.71 8.44 24.40
C LYS B 24 -2.66 9.43 25.55
N PRO B 25 -1.97 10.57 25.46
CA PRO B 25 -2.02 11.53 26.58
C PRO B 25 -3.41 12.08 26.83
N PHE B 26 -4.23 12.19 25.79
CA PHE B 26 -5.61 12.66 25.97
C PHE B 26 -6.45 11.62 26.71
N THR B 27 -6.42 10.36 26.26
CA THR B 27 -7.25 9.36 26.93
C THR B 27 -6.69 8.97 28.29
N ASP B 28 -5.39 9.14 28.52
CA ASP B 28 -4.84 8.98 29.86
C ASP B 28 -5.33 10.08 30.79
N ALA B 29 -5.41 11.31 30.28
CA ALA B 29 -5.87 12.44 31.09
C ALA B 29 -7.38 12.46 31.26
N ASN B 30 -8.13 11.80 30.38
CA ASN B 30 -9.60 11.78 30.44
C ASN B 30 -10.03 10.31 30.37
N PRO B 31 -10.02 9.61 31.50
CA PRO B 31 -10.29 8.15 31.46
C PRO B 31 -11.69 7.78 31.00
N HIS B 32 -12.64 8.71 31.01
CA HIS B 32 -13.99 8.39 30.57
C HIS B 32 -14.17 8.48 29.06
N ILE B 33 -13.12 8.83 28.33
CA ILE B 33 -13.18 8.99 26.88
C ILE B 33 -12.25 7.97 26.25
N THR B 34 -12.77 7.20 25.30
CA THR B 34 -11.97 6.37 24.43
C THR B 34 -12.19 6.83 23.00
N VAL B 35 -11.19 6.56 22.15
CA VAL B 35 -11.21 6.98 20.75
C VAL B 35 -10.99 5.76 19.89
N GLU B 36 -11.92 5.51 18.97
CA GLU B 36 -11.84 4.36 18.06
C GLU B 36 -11.73 4.88 16.63
N PRO B 37 -10.54 4.88 16.05
CA PRO B 37 -10.36 5.38 14.69
C PRO B 37 -10.60 4.31 13.65
N THR B 38 -11.15 4.75 12.52
CA THR B 38 -11.36 3.89 11.35
C THR B 38 -10.72 4.58 10.15
N VAL B 39 -9.93 3.83 9.38
CA VAL B 39 -9.29 4.36 8.19
C VAL B 39 -10.16 4.29 6.96
N VAL B 40 -10.24 5.38 6.22
CA VAL B 40 -10.99 5.44 5.00
C VAL B 40 -10.03 5.87 3.88
N ASP B 41 -9.94 5.08 2.83
CA ASP B 41 -9.02 5.40 1.77
C ASP B 41 -9.38 6.65 1.02
N TRP B 42 -8.36 7.30 0.47
CA TRP B 42 -8.58 8.54 -0.27
C TRP B 42 -9.57 8.41 -1.43
N SER B 43 -9.45 7.34 -2.20
CA SER B 43 -10.37 7.12 -3.32
C SER B 43 -11.85 7.12 -2.91
N ALA B 44 -12.15 6.47 -1.80
CA ALA B 44 -13.54 6.37 -1.39
C ALA B 44 -13.95 7.41 -0.36
N ALA B 45 -13.04 8.29 0.06
CA ALA B 45 -13.31 9.16 1.19
C ALA B 45 -14.43 10.15 0.88
N LEU B 46 -14.46 10.72 -0.32
CA LEU B 46 -15.48 11.72 -0.63
C LEU B 46 -16.87 11.11 -0.66
N THR B 47 -17.02 9.96 -1.33
CA THR B 47 -18.31 9.28 -1.35
C THR B 47 -18.76 8.89 0.05
N LYS B 48 -17.83 8.38 0.88
CA LYS B 48 -18.21 7.89 2.19
C LYS B 48 -18.50 9.04 3.17
N ILE B 49 -17.76 10.14 3.08
CA ILE B 49 -18.06 11.28 3.94
C ILE B 49 -19.38 11.91 3.55
N THR B 50 -19.61 12.07 2.24
CA THR B 50 -20.90 12.57 1.77
C THR B 50 -22.05 11.72 2.28
N ALA B 51 -21.92 10.40 2.16
CA ALA B 51 -22.98 9.50 2.64
C ALA B 51 -23.17 9.63 4.14
N ALA B 52 -22.08 9.73 4.90
CA ALA B 52 -22.20 9.83 6.36
C ALA B 52 -22.86 11.14 6.76
N ALA B 53 -22.51 12.23 6.06
CA ALA B 53 -23.10 13.53 6.37
C ALA B 53 -24.56 13.61 5.97
N THR B 54 -25.02 12.75 5.06
CA THR B 54 -26.39 12.76 4.59
C THR B 54 -27.24 11.64 5.20
N SER B 55 -26.73 10.41 5.18
CA SER B 55 -27.57 9.26 5.56
C SER B 55 -27.90 9.29 7.05
N GLY B 56 -26.93 9.62 7.90
CA GLY B 56 -27.11 9.62 9.33
C GLY B 56 -26.26 8.59 10.09
N GLU B 57 -25.71 7.57 9.40
CA GLU B 57 -24.73 6.62 9.92
C GLU B 57 -23.40 7.34 9.77
N ALA B 58 -22.89 7.92 10.85
CA ALA B 58 -21.69 8.73 10.71
C ALA B 58 -20.86 8.58 11.99
N PRO B 59 -19.55 8.77 11.91
CA PRO B 59 -18.78 8.80 13.16
C PRO B 59 -19.00 10.10 13.91
N ASP B 60 -18.34 10.27 15.05
CA ASP B 60 -18.41 11.57 15.72
C ASP B 60 -17.60 12.62 14.96
N ILE B 61 -16.43 12.22 14.46
CA ILE B 61 -15.47 13.12 13.84
C ILE B 61 -14.97 12.46 12.56
N THR B 62 -14.69 13.27 11.55
CA THR B 62 -13.93 12.76 10.42
C THR B 62 -12.91 13.79 9.96
N GLN B 63 -11.77 13.28 9.52
CA GLN B 63 -10.84 14.08 8.74
C GLN B 63 -11.49 14.38 7.39
N VAL B 64 -11.32 15.61 6.91
CA VAL B 64 -11.79 16.00 5.59
C VAL B 64 -10.65 16.72 4.88
N GLY B 65 -10.42 16.35 3.62
CA GLY B 65 -9.48 17.09 2.80
C GLY B 65 -9.83 18.56 2.82
N SER B 66 -8.80 19.42 2.93
CA SER B 66 -9.07 20.85 3.04
C SER B 66 -9.85 21.38 1.86
N THR B 67 -9.61 20.83 0.66
CA THR B 67 -10.32 21.28 -0.53
C THR B 67 -11.74 20.76 -0.60
N TRP B 68 -12.15 19.88 0.31
CA TRP B 68 -13.51 19.35 0.35
C TRP B 68 -14.37 19.92 1.46
N THR B 69 -13.77 20.66 2.40
CA THR B 69 -14.49 21.04 3.62
C THR B 69 -15.73 21.89 3.30
N ALA B 70 -15.61 22.82 2.35
CA ALA B 70 -16.74 23.66 2.01
C ALA B 70 -17.88 22.85 1.41
N ALA B 71 -17.53 21.80 0.64
CA ALA B 71 -18.56 20.93 0.08
C ALA B 71 -19.32 20.21 1.18
N ILE B 72 -18.61 19.74 2.20
CA ILE B 72 -19.28 19.03 3.29
C ILE B 72 -20.03 20.00 4.18
N GLY B 73 -19.44 21.16 4.45
CA GLY B 73 -20.09 22.14 5.29
C GLY B 73 -21.37 22.69 4.70
N ALA B 74 -21.45 22.74 3.36
CA ALA B 74 -22.61 23.29 2.68
C ALA B 74 -23.81 22.35 2.65
N MET B 75 -23.63 21.09 3.01
CA MET B 75 -24.77 20.21 3.15
C MET B 75 -25.54 20.53 4.43
N GLU B 76 -26.85 20.75 4.26
CA GLU B 76 -27.75 21.20 5.33
C GLU B 76 -27.65 20.28 6.54
N GLY B 77 -27.44 20.86 7.73
CA GLY B 77 -27.42 20.07 8.96
C GLY B 77 -26.40 18.95 9.08
N ALA B 78 -25.37 18.97 8.25
CA ALA B 78 -24.38 17.88 8.28
C ALA B 78 -23.38 18.05 9.41
N LEU B 79 -22.79 19.25 9.54
CA LEU B 79 -21.67 19.47 10.43
C LEU B 79 -22.00 20.51 11.50
N VAL B 80 -21.32 20.39 12.64
CA VAL B 80 -21.42 21.40 13.68
C VAL B 80 -20.63 22.64 13.24
N GLU B 81 -21.30 23.79 13.23
CA GLU B 81 -20.61 25.05 13.01
C GLU B 81 -19.72 25.37 14.20
N LEU B 82 -18.44 25.64 13.94
CA LEU B 82 -17.44 25.71 15.00
C LEU B 82 -17.08 27.12 15.45
N THR B 83 -17.72 28.16 14.90
CA THR B 83 -17.42 29.53 15.33
C THR B 83 -17.62 29.70 16.83
N GLY B 84 -16.64 30.34 17.48
CA GLY B 84 -16.67 30.55 18.91
C GLY B 84 -16.24 29.37 19.75
N LYS B 85 -16.36 28.15 19.22
CA LYS B 85 -15.97 26.96 19.95
C LYS B 85 -14.51 26.57 19.72
N ILE B 86 -13.91 27.06 18.64
CA ILE B 86 -12.50 26.85 18.34
C ILE B 86 -11.79 28.20 18.42
N ASP B 87 -10.61 28.21 19.01
CA ASP B 87 -9.79 29.41 19.14
C ASP B 87 -9.00 29.61 17.86
N THR B 88 -9.43 30.54 17.01
CA THR B 88 -8.78 30.69 15.72
C THR B 88 -7.43 31.38 15.82
N SER B 89 -7.17 32.09 16.92
CA SER B 89 -5.93 32.84 17.05
C SER B 89 -4.70 31.94 17.18
N ALA B 90 -4.87 30.68 17.58
CA ALA B 90 -3.73 29.79 17.72
C ALA B 90 -3.22 29.27 16.38
N PHE B 91 -3.97 29.44 15.32
CA PHE B 91 -3.65 28.81 14.04
C PHE B 91 -2.86 29.75 13.15
N VAL B 92 -2.00 29.17 12.31
CA VAL B 92 -1.46 29.91 11.19
C VAL B 92 -2.63 30.37 10.35
N GLU B 93 -2.76 31.69 10.19
CA GLU B 93 -3.99 32.27 9.65
C GLU B 93 -4.31 31.74 8.26
N SER B 94 -3.30 31.44 7.44
CA SER B 94 -3.56 30.96 6.10
C SER B 94 -4.28 29.62 6.10
N THR B 95 -4.12 28.82 7.15
CA THR B 95 -4.76 27.49 7.18
C THR B 95 -6.26 27.57 7.43
N LEU B 96 -6.78 28.73 7.83
CA LEU B 96 -8.20 28.87 8.13
C LEU B 96 -9.05 29.06 6.89
N GLN B 97 -8.44 29.45 5.77
CA GLN B 97 -9.19 29.73 4.55
C GLN B 97 -10.08 28.55 4.16
N SER B 98 -9.53 27.34 4.17
CA SER B 98 -10.28 26.16 3.79
C SER B 98 -11.26 25.69 4.87
N ALA B 99 -11.17 26.22 6.09
CA ALA B 99 -12.10 25.85 7.13
C ALA B 99 -13.44 26.55 6.99
N TYR B 100 -13.50 27.61 6.19
CA TYR B 100 -14.70 28.39 5.96
C TYR B 100 -15.29 28.08 4.59
N ILE B 101 -16.60 28.28 4.46
CA ILE B 101 -17.24 28.37 3.16
C ILE B 101 -16.98 29.77 2.62
N LYS B 102 -16.34 29.85 1.45
CA LYS B 102 -15.95 31.15 0.90
C LYS B 102 -17.17 32.04 0.70
N GLY B 103 -16.98 33.34 0.98
CA GLY B 103 -18.06 34.30 0.92
C GLY B 103 -19.02 34.27 2.09
N THR B 104 -18.79 33.43 3.09
CA THR B 104 -19.65 33.33 4.26
C THR B 104 -18.82 33.43 5.53
N ASP B 105 -19.54 33.54 6.65
CA ASP B 105 -18.98 33.55 8.00
C ASP B 105 -18.88 32.17 8.61
N LYS B 106 -19.30 31.13 7.89
CA LYS B 106 -19.51 29.82 8.49
C LYS B 106 -18.22 29.01 8.45
N MET B 107 -17.77 28.58 9.63
CA MET B 107 -16.58 27.76 9.78
C MET B 107 -17.03 26.38 10.21
N PHE B 108 -16.84 25.39 9.34
CA PHE B 108 -17.31 24.04 9.58
C PHE B 108 -16.19 23.05 9.83
N GLY B 109 -14.94 23.50 9.77
CA GLY B 109 -13.81 22.63 10.01
C GLY B 109 -12.79 23.29 10.92
N MET B 110 -11.98 22.46 11.55
CA MET B 110 -10.83 22.93 12.28
C MET B 110 -9.57 22.48 11.56
N PRO B 111 -8.66 23.40 11.25
CA PRO B 111 -7.41 22.98 10.58
C PRO B 111 -6.65 21.98 11.43
N TRP B 112 -6.18 20.91 10.78
CA TRP B 112 -5.45 19.85 11.47
C TRP B 112 -4.02 19.73 11.00
N PHE B 113 -3.78 19.63 9.69
CA PHE B 113 -2.42 19.69 9.17
C PHE B 113 -2.47 20.27 7.77
N THR B 114 -1.28 20.71 7.34
CA THR B 114 -1.11 21.28 6.00
C THR B 114 -0.04 20.49 5.26
N GLU B 115 0.03 20.70 3.96
CA GLU B 115 1.03 19.98 3.14
C GLU B 115 1.25 20.73 1.83
N THR B 116 2.43 20.55 1.25
CA THR B 116 2.71 21.09 -0.09
C THR B 116 3.52 20.02 -0.84
N ARG B 117 3.70 20.23 -2.13
CA ARG B 117 4.52 19.34 -2.95
C ARG B 117 5.80 20.08 -3.31
N ALA B 118 6.94 19.46 -3.01
CA ALA B 118 8.23 20.06 -3.30
C ALA B 118 9.02 19.15 -4.25
N LEU B 119 10.16 19.65 -4.69
CA LEU B 119 10.96 18.99 -5.71
C LEU B 119 12.02 18.13 -5.05
N PHE B 120 11.81 16.81 -5.07
CA PHE B 120 12.82 15.86 -4.60
C PHE B 120 13.82 15.58 -5.72
N TYR B 121 15.07 15.36 -5.35
CA TYR B 121 16.11 15.07 -6.34
C TYR B 121 17.11 14.07 -5.77
N ARG B 122 17.78 13.37 -6.67
CA ARG B 122 18.85 12.44 -6.31
C ARG B 122 20.18 13.18 -6.34
N LYS B 123 20.85 13.25 -5.19
CA LYS B 123 22.14 13.93 -5.13
C LYS B 123 23.17 13.24 -6.03
N ASP B 124 23.16 11.90 -6.05
CA ASP B 124 24.13 11.17 -6.86
C ASP B 124 23.86 11.35 -8.35
N ALA B 125 22.59 11.37 -8.75
CA ALA B 125 22.27 11.62 -10.16
C ALA B 125 22.72 13.01 -10.60
N CYS B 126 22.44 14.04 -9.80
CA CYS B 126 22.86 15.39 -10.12
C CYS B 126 24.39 15.54 -10.26
N GLU B 127 25.12 14.94 -9.35
CA GLU B 127 26.60 14.95 -9.43
C GLU B 127 27.14 14.35 -10.71
N LYS B 128 26.57 13.24 -11.13
CA LYS B 128 26.97 12.61 -12.36
C LYS B 128 26.61 13.45 -13.57
N ALA B 129 25.51 14.19 -13.47
CA ALA B 129 25.05 14.95 -14.59
C ALA B 129 25.63 16.36 -14.66
N GLY B 130 26.40 16.74 -13.65
CA GLY B 130 26.88 18.12 -13.61
C GLY B 130 25.81 19.13 -13.27
N VAL B 131 24.83 18.73 -12.47
CA VAL B 131 23.71 19.58 -12.09
C VAL B 131 23.87 19.99 -10.63
N ASN B 132 23.78 21.30 -10.37
CA ASN B 132 23.75 21.80 -9.00
C ASN B 132 22.32 21.97 -8.52
N PRO B 133 21.80 21.07 -7.70
CA PRO B 133 20.37 21.12 -7.34
C PRO B 133 19.99 22.30 -6.45
N GLU B 134 20.95 22.99 -5.83
CA GLU B 134 20.61 24.17 -5.05
C GLU B 134 20.23 25.34 -5.93
N THR B 135 20.81 25.43 -7.13
CA THR B 135 20.61 26.58 -8.01
C THR B 135 19.99 26.23 -9.36
N ASP B 136 20.20 25.03 -9.88
CA ASP B 136 19.82 24.73 -11.25
C ASP B 136 18.33 24.40 -11.42
N PHE B 137 17.57 24.33 -10.33
CA PHE B 137 16.12 24.14 -10.40
C PHE B 137 15.35 25.42 -10.07
N ALA B 138 16.03 26.57 -10.05
CA ALA B 138 15.45 27.77 -9.44
C ALA B 138 14.34 28.38 -10.28
N THR B 139 14.42 28.27 -11.60
CA THR B 139 13.43 28.85 -12.51
C THR B 139 12.97 27.77 -13.47
N TRP B 140 11.85 28.04 -14.14
CA TRP B 140 11.33 27.08 -15.13
C TRP B 140 12.39 26.71 -16.15
N ASP B 141 13.07 27.73 -16.71
CA ASP B 141 14.02 27.49 -17.79
C ASP B 141 15.23 26.70 -17.30
N LYS B 142 15.77 27.05 -16.12
CA LYS B 142 16.90 26.31 -15.57
C LYS B 142 16.49 24.89 -15.18
N PHE B 143 15.29 24.74 -14.63
CA PHE B 143 14.77 23.41 -14.32
C PHE B 143 14.72 22.54 -15.58
N LYS B 144 14.20 23.08 -16.68
CA LYS B 144 14.10 22.31 -17.91
C LYS B 144 15.49 21.99 -18.48
N ASP B 145 16.42 22.95 -18.43
CA ASP B 145 17.78 22.69 -18.90
C ASP B 145 18.45 21.61 -18.05
N ALA B 146 18.16 21.58 -16.75
CA ALA B 146 18.73 20.58 -15.87
C ALA B 146 18.16 19.19 -16.18
N LEU B 147 16.86 19.10 -16.43
CA LEU B 147 16.26 17.82 -16.77
C LEU B 147 16.90 17.21 -18.01
N LYS B 148 17.24 18.04 -19.00
CA LYS B 148 17.87 17.51 -20.21
C LYS B 148 19.21 16.85 -19.92
N LYS B 149 19.96 17.38 -18.96
CA LYS B 149 21.20 16.74 -18.54
C LYS B 149 20.93 15.47 -17.73
N LEU B 150 19.81 15.43 -17.00
CA LEU B 150 19.52 14.29 -16.15
C LEU B 150 18.82 13.16 -16.90
N ASN B 151 18.26 13.45 -18.08
CA ASN B 151 17.45 12.50 -18.82
C ASN B 151 18.31 11.34 -19.29
N GLY B 152 18.04 10.14 -18.76
CA GLY B 152 18.79 8.97 -19.15
C GLY B 152 20.14 8.82 -18.49
N ILE B 153 20.47 9.65 -17.50
CA ILE B 153 21.76 9.55 -16.85
C ILE B 153 21.83 8.21 -16.11
N GLU B 154 22.99 7.56 -16.20
CA GLU B 154 23.18 6.26 -15.57
C GLU B 154 23.80 6.44 -14.18
N VAL B 155 23.13 5.90 -13.17
CA VAL B 155 23.63 5.91 -11.80
C VAL B 155 23.50 4.50 -11.25
N ASP B 156 24.61 3.97 -10.73
CA ASP B 156 24.76 2.56 -10.38
C ASP B 156 24.59 1.76 -11.66
N GLY B 157 23.65 0.82 -11.75
CA GLY B 157 23.42 0.05 -12.95
C GLY B 157 22.22 0.49 -13.76
N LYS B 158 21.55 1.56 -13.36
CA LYS B 158 20.23 1.89 -13.88
C LYS B 158 20.26 3.21 -14.64
N LYS B 159 19.34 3.31 -15.61
CA LYS B 159 19.11 4.54 -16.34
C LYS B 159 17.93 5.26 -15.69
N LEU B 160 18.10 6.53 -15.39
CA LEU B 160 17.05 7.30 -14.75
C LEU B 160 16.32 8.15 -15.79
N ALA B 161 14.99 8.21 -15.66
CA ALA B 161 14.26 9.28 -16.30
C ALA B 161 14.46 10.57 -15.50
N ALA B 162 14.44 11.70 -16.21
CA ALA B 162 14.76 12.97 -15.57
C ALA B 162 13.74 13.32 -14.50
N LEU B 163 12.45 13.19 -14.82
CA LEU B 163 11.37 13.57 -13.92
C LEU B 163 10.30 12.48 -13.98
N GLY B 164 9.87 12.00 -12.83
CA GLY B 164 8.82 11.01 -12.80
C GLY B 164 7.61 11.53 -12.08
N MET B 165 6.46 11.56 -12.76
CA MET B 165 5.21 12.07 -12.18
C MET B 165 4.03 11.21 -12.59
N PRO B 166 3.04 11.07 -11.71
CA PRO B 166 1.84 10.32 -12.06
C PRO B 166 0.91 11.15 -12.95
N GLY B 167 0.00 10.46 -13.61
CA GLY B 167 -0.93 11.16 -14.46
C GLY B 167 -2.41 10.87 -14.24
N LYS B 168 -2.75 9.85 -13.46
CA LYS B 168 -4.10 9.34 -13.50
C LYS B 168 -4.56 8.82 -12.14
N ASN B 169 -5.89 8.75 -11.99
CA ASN B 169 -6.56 7.82 -11.08
C ASN B 169 -6.40 8.19 -9.61
N ASP B 170 -6.23 9.46 -9.28
CA ASP B 170 -6.43 9.92 -7.91
C ASP B 170 -6.71 11.42 -7.92
N TRP B 171 -6.83 11.98 -6.71
CA TRP B 171 -7.15 13.40 -6.56
C TRP B 171 -6.01 14.32 -6.93
N ASN B 172 -4.78 13.80 -7.04
CA ASN B 172 -3.61 14.63 -7.26
C ASN B 172 -3.45 15.10 -8.71
N VAL B 173 -4.32 14.69 -9.62
CA VAL B 173 -4.21 15.12 -11.02
C VAL B 173 -4.26 16.64 -11.10
N VAL B 174 -5.24 17.26 -10.46
CA VAL B 174 -5.34 18.71 -10.50
C VAL B 174 -4.25 19.34 -9.63
N HIS B 175 -3.95 18.74 -8.47
CA HIS B 175 -2.93 19.32 -7.58
C HIS B 175 -1.59 19.45 -8.29
N ASN B 176 -1.24 18.48 -9.14
CA ASN B 176 0.05 18.52 -9.81
C ASN B 176 0.11 19.54 -10.94
N PHE B 177 -1.04 19.94 -11.49
CA PHE B 177 -1.09 21.06 -12.43
C PHE B 177 -1.14 22.41 -11.75
N SER B 178 -1.61 22.46 -10.50
CA SER B 178 -2.03 23.72 -9.88
C SER B 178 -0.91 24.77 -9.91
N TRP B 179 0.26 24.43 -9.37
CA TRP B 179 1.28 25.46 -9.26
C TRP B 179 1.96 25.78 -10.58
N TRP B 180 1.79 24.94 -11.60
CA TRP B 180 2.23 25.33 -12.94
C TRP B 180 1.30 26.39 -13.52
N ILE B 181 0.00 26.27 -13.25
CA ILE B 181 -0.95 27.28 -13.67
C ILE B 181 -0.72 28.58 -12.89
N TYR B 182 -0.51 28.47 -11.58
CA TYR B 182 -0.23 29.66 -10.77
C TYR B 182 1.06 30.35 -11.22
N GLY B 183 2.12 29.56 -11.43
CA GLY B 183 3.40 30.15 -11.79
C GLY B 183 3.41 30.78 -13.17
N ALA B 184 2.52 30.34 -14.06
CA ALA B 184 2.38 30.98 -15.36
C ALA B 184 1.59 32.27 -15.27
N GLY B 185 0.96 32.56 -14.14
CA GLY B 185 0.08 33.70 -14.03
C GLY B 185 -1.37 33.41 -14.29
N GLY B 186 -1.81 32.16 -14.07
CA GLY B 186 -3.18 31.77 -14.22
C GLY B 186 -3.83 31.38 -12.90
N ASP B 187 -5.10 31.03 -12.98
CA ASP B 187 -5.85 30.57 -11.83
C ASP B 187 -6.98 29.67 -12.29
N PHE B 188 -7.58 28.96 -11.32
CA PHE B 188 -8.68 28.08 -11.63
C PHE B 188 -10.02 28.81 -11.69
N VAL B 189 -10.22 29.80 -10.83
CA VAL B 189 -11.48 30.51 -10.75
C VAL B 189 -11.22 32.01 -10.69
N ASN B 190 -12.30 32.78 -10.82
CA ASN B 190 -12.23 34.21 -10.58
C ASN B 190 -12.16 34.49 -9.09
N GLU B 191 -11.94 35.77 -8.75
CA GLU B 191 -11.81 36.16 -7.34
C GLU B 191 -13.00 35.68 -6.51
N GLU B 192 -14.20 35.74 -7.08
CA GLU B 192 -15.40 35.31 -6.36
C GLU B 192 -15.51 33.79 -6.26
N GLY B 193 -14.79 33.06 -7.11
CA GLY B 193 -14.94 31.62 -7.17
C GLY B 193 -16.24 31.13 -7.82
N THR B 194 -16.83 31.93 -8.70
CA THR B 194 -18.09 31.64 -9.36
C THR B 194 -17.95 31.31 -10.83
N GLN B 195 -16.74 31.49 -11.36
CA GLN B 195 -16.47 31.25 -12.75
C GLN B 195 -15.10 30.62 -12.99
N ALA B 196 -15.04 29.63 -13.84
CA ALA B 196 -13.77 29.00 -14.18
C ALA B 196 -12.93 29.88 -15.09
N THR B 197 -11.62 29.88 -14.89
CA THR B 197 -10.76 30.76 -15.65
C THR B 197 -9.47 30.08 -16.11
N PHE B 198 -9.37 28.76 -16.04
CA PHE B 198 -8.10 28.11 -16.36
C PHE B 198 -7.91 27.82 -17.84
N SER B 199 -8.76 28.38 -18.71
CA SER B 199 -8.47 28.40 -20.14
C SER B 199 -7.93 29.75 -20.60
N SER B 200 -7.55 30.62 -19.66
CA SER B 200 -6.86 31.85 -20.01
C SER B 200 -5.52 31.52 -20.65
N GLU B 201 -4.97 32.50 -21.40
CA GLU B 201 -3.70 32.26 -22.07
C GLU B 201 -2.59 31.96 -21.07
N ASN B 202 -2.61 32.60 -19.90
CA ASN B 202 -1.56 32.33 -18.93
C ASN B 202 -1.67 30.91 -18.40
N ALA B 203 -2.88 30.48 -18.01
CA ALA B 203 -3.05 29.13 -17.49
C ALA B 203 -2.65 28.09 -18.52
N LEU B 204 -3.01 28.31 -19.80
CA LEU B 204 -2.64 27.38 -20.86
C LEU B 204 -1.13 27.37 -21.07
N LYS B 205 -0.46 28.49 -20.84
CA LYS B 205 1.01 28.51 -20.93
C LYS B 205 1.62 27.60 -19.88
N GLY B 206 1.07 27.63 -18.67
CA GLY B 206 1.56 26.72 -17.63
C GLY B 206 1.22 25.28 -17.91
N ILE B 207 -0.01 25.03 -18.39
CA ILE B 207 -0.38 23.67 -18.78
C ILE B 207 0.51 23.18 -19.91
N LYS B 208 0.74 24.03 -20.90
CA LYS B 208 1.61 23.67 -22.02
C LYS B 208 3.03 23.35 -21.56
N PHE B 209 3.62 24.24 -20.76
CA PHE B 209 5.02 24.05 -20.36
C PHE B 209 5.20 22.74 -19.62
N TYR B 210 4.30 22.46 -18.67
CA TYR B 210 4.43 21.27 -17.85
C TYR B 210 4.20 20.01 -18.68
N SER B 211 3.07 19.93 -19.39
CA SER B 211 2.74 18.72 -20.14
C SER B 211 3.75 18.46 -21.25
N GLU B 212 4.33 19.51 -21.85
CA GLU B 212 5.27 19.28 -22.94
C GLU B 212 6.66 18.88 -22.47
N LEU B 213 6.93 18.93 -21.16
CA LEU B 213 8.12 18.26 -20.63
C LEU B 213 8.13 16.79 -21.02
N ALA B 214 6.95 16.15 -20.98
CA ALA B 214 6.84 14.76 -21.39
C ALA B 214 6.95 14.60 -22.90
N VAL B 215 6.36 15.52 -23.67
CA VAL B 215 6.48 15.45 -25.12
C VAL B 215 7.94 15.48 -25.54
N GLU B 216 8.75 16.27 -24.85
CA GLU B 216 10.15 16.43 -25.18
C GLU B 216 11.05 15.35 -24.56
N GLY B 217 10.45 14.34 -23.92
CA GLY B 217 11.21 13.22 -23.42
C GLY B 217 11.76 13.35 -22.01
N LEU B 218 11.45 14.44 -21.31
CA LEU B 218 12.04 14.68 -19.99
C LEU B 218 11.19 14.11 -18.88
N MET B 219 9.90 13.96 -19.09
CA MET B 219 9.02 13.31 -18.13
C MET B 219 8.80 11.88 -18.58
N ASP B 220 8.89 10.94 -17.65
CA ASP B 220 8.76 9.53 -17.99
C ASP B 220 7.33 9.25 -18.46
N GLU B 221 7.17 8.96 -19.74
CA GLU B 221 5.84 8.73 -20.29
C GLU B 221 5.13 7.52 -19.70
N PRO B 222 5.76 6.35 -19.56
CA PRO B 222 5.03 5.21 -18.97
C PRO B 222 4.48 5.49 -17.58
N SER B 223 5.16 6.32 -16.80
CA SER B 223 4.69 6.62 -15.45
C SER B 223 3.46 7.49 -15.46
N LEU B 224 3.19 8.22 -16.55
CA LEU B 224 1.99 9.03 -16.66
C LEU B 224 0.72 8.18 -16.70
N GLU B 225 0.83 6.87 -16.94
CA GLU B 225 -0.32 5.99 -16.83
C GLU B 225 -0.66 5.64 -15.39
N LYS B 226 0.21 5.94 -14.44
CA LYS B 226 0.12 5.44 -13.07
C LYS B 226 -0.37 6.53 -12.12
N ASN B 227 -0.65 6.10 -10.89
CA ASN B 227 -1.12 7.01 -9.86
C ASN B 227 0.04 7.42 -8.94
N THR B 228 -0.29 8.27 -7.97
CA THR B 228 0.73 8.83 -7.08
C THR B 228 1.46 7.75 -6.30
N SER B 229 0.71 6.78 -5.75
CA SER B 229 1.33 5.75 -4.92
C SER B 229 2.41 4.98 -5.69
N ASP B 230 2.13 4.62 -6.94
CA ASP B 230 3.11 3.85 -7.71
C ASP B 230 4.32 4.69 -8.08
N ILE B 231 4.12 5.98 -8.35
CA ILE B 231 5.25 6.82 -8.76
C ILE B 231 6.14 7.13 -7.54
N GLU B 232 5.52 7.31 -6.37
CA GLU B 232 6.30 7.49 -5.15
C GLU B 232 7.17 6.26 -4.86
N SER B 233 6.60 5.06 -5.07
CA SER B 233 7.38 3.85 -4.84
C SER B 233 8.50 3.70 -5.86
N ALA B 234 8.21 4.06 -7.12
CA ALA B 234 9.25 4.02 -8.15
C ALA B 234 10.42 4.94 -7.80
N PHE B 235 10.12 6.14 -7.32
CA PHE B 235 11.20 7.04 -6.90
C PHE B 235 11.99 6.44 -5.74
N GLY B 236 11.30 5.76 -4.83
CA GLY B 236 12.00 5.10 -3.74
C GLY B 236 12.86 3.93 -4.17
N ASP B 237 12.61 3.40 -5.37
CA ASP B 237 13.44 2.36 -5.97
C ASP B 237 14.48 2.91 -6.92
N GLY B 238 14.56 4.23 -7.08
CA GLY B 238 15.61 4.84 -7.86
C GLY B 238 15.32 5.07 -9.33
N ALA B 239 14.05 5.11 -9.73
CA ALA B 239 13.72 5.17 -11.15
C ALA B 239 13.88 6.56 -11.75
N TYR B 240 13.89 7.63 -10.93
CA TYR B 240 13.88 8.98 -11.45
C TYR B 240 14.92 9.84 -10.76
N ALA B 241 15.43 10.83 -11.50
CA ALA B 241 16.34 11.80 -10.91
C ALA B 241 15.60 12.82 -10.05
N THR B 242 14.37 13.17 -10.41
CA THR B 242 13.59 14.15 -9.67
C THR B 242 12.12 13.74 -9.67
N ALA B 243 11.37 14.31 -8.72
CA ALA B 243 9.93 14.15 -8.65
C ALA B 243 9.36 15.17 -7.68
N PHE B 244 8.14 15.64 -7.98
CA PHE B 244 7.41 16.55 -7.08
C PHE B 244 6.50 15.71 -6.20
N MET B 245 6.72 15.74 -4.89
CA MET B 245 6.01 14.85 -3.99
C MET B 245 5.74 15.56 -2.67
N GLY B 246 4.78 15.02 -1.91
CA GLY B 246 4.50 15.50 -0.57
C GLY B 246 5.50 14.97 0.43
N PRO B 247 5.48 15.54 1.63
CA PRO B 247 6.49 15.18 2.65
C PRO B 247 6.32 13.78 3.21
N TRP B 248 5.14 13.17 3.07
CA TRP B 248 4.90 11.85 3.66
C TRP B 248 5.79 10.76 3.08
N VAL B 249 6.34 10.95 1.87
CA VAL B 249 7.18 9.92 1.27
C VAL B 249 8.43 9.68 2.10
N ILE B 250 8.83 10.65 2.93
CA ILE B 250 10.02 10.48 3.76
C ILE B 250 9.85 9.29 4.70
N SER B 251 8.64 9.10 5.24
CA SER B 251 8.38 7.95 6.10
C SER B 251 8.66 6.63 5.39
N SER B 252 8.19 6.51 4.15
CA SER B 252 8.31 5.23 3.45
C SER B 252 9.75 4.97 3.01
N TYR B 253 10.46 6.01 2.58
CA TYR B 253 11.86 5.82 2.19
C TYR B 253 12.72 5.48 3.39
N THR B 254 12.40 6.06 4.55
CA THR B 254 13.08 5.69 5.79
C THR B 254 12.76 4.25 6.15
N LYS B 255 11.50 3.84 6.01
CA LYS B 255 11.12 2.45 6.22
C LYS B 255 11.90 1.52 5.30
N ASN B 256 12.04 1.89 4.03
CA ASN B 256 12.75 1.03 3.09
C ASN B 256 14.21 0.77 3.51
N LYS B 257 14.91 1.79 4.03
CA LYS B 257 16.29 1.60 4.47
C LYS B 257 16.33 0.64 5.65
N GLU B 258 15.37 0.84 6.53
CA GLU B 258 15.17 0.15 7.79
C GLU B 258 14.76 -1.30 7.58
N GLU B 259 14.01 -1.58 6.52
CA GLU B 259 13.52 -2.93 6.22
C GLU B 259 14.35 -3.66 5.16
N ASN B 260 14.78 -2.97 4.11
CA ASN B 260 15.41 -3.60 2.96
C ASN B 260 16.85 -3.15 2.69
N GLY B 261 17.42 -2.27 3.51
CA GLY B 261 18.72 -1.74 3.18
C GLY B 261 18.75 -0.79 2.00
N ASN B 262 17.59 -0.31 1.56
CA ASN B 262 17.52 0.64 0.45
C ASN B 262 18.05 1.99 0.91
N ASP B 263 19.14 2.45 0.30
CA ASP B 263 19.81 3.66 0.77
C ASP B 263 19.31 4.93 0.10
N LEU B 264 18.17 4.86 -0.60
CA LEU B 264 17.67 6.00 -1.34
C LEU B 264 17.50 7.23 -0.46
N ILE B 265 17.00 7.04 0.77
CA ILE B 265 16.74 8.17 1.67
C ILE B 265 18.03 8.95 1.93
N ASP B 266 19.19 8.29 1.92
CA ASP B 266 20.45 8.97 2.14
C ASP B 266 20.98 9.66 0.88
N LYS B 267 20.35 9.45 -0.28
CA LYS B 267 20.85 9.97 -1.54
C LYS B 267 20.00 11.10 -2.10
N ILE B 268 19.03 11.61 -1.35
CA ILE B 268 18.08 12.56 -1.91
C ILE B 268 18.14 13.87 -1.15
N GLY B 269 17.75 14.94 -1.85
CA GLY B 269 17.46 16.22 -1.24
C GLY B 269 16.15 16.75 -1.78
N VAL B 270 15.74 17.88 -1.22
CA VAL B 270 14.49 18.52 -1.63
C VAL B 270 14.72 20.02 -1.76
N THR B 271 14.07 20.62 -2.75
CA THR B 271 14.11 22.06 -2.94
C THR B 271 12.72 22.54 -3.30
N MET B 272 12.56 23.87 -3.32
CA MET B 272 11.28 24.43 -3.68
C MET B 272 11.01 24.25 -5.17
N VAL B 273 9.74 24.38 -5.54
CA VAL B 273 9.32 24.25 -6.93
C VAL B 273 9.97 25.38 -7.72
N PRO B 274 10.31 25.17 -8.99
CA PRO B 274 10.92 26.24 -9.77
C PRO B 274 9.99 27.44 -9.90
N GLU B 275 10.60 28.62 -9.99
CA GLU B 275 9.86 29.86 -10.10
C GLU B 275 9.45 30.11 -11.54
N GLY B 276 8.18 30.43 -11.76
CA GLY B 276 7.68 30.74 -13.08
C GLY B 276 7.63 32.24 -13.31
N PRO B 277 7.08 32.66 -14.46
CA PRO B 277 7.07 34.09 -14.79
C PRO B 277 6.20 34.94 -13.87
N ALA B 278 5.29 34.34 -13.12
CA ALA B 278 4.47 35.06 -12.17
C ALA B 278 5.11 35.22 -10.80
N GLY B 279 6.27 34.62 -10.59
CA GLY B 279 6.81 34.43 -9.25
C GLY B 279 6.56 33.02 -8.78
N ARG B 280 7.04 32.73 -7.58
CA ARG B 280 6.93 31.37 -7.06
C ARG B 280 5.56 31.16 -6.41
N TYR B 281 4.91 30.06 -6.79
CA TYR B 281 3.68 29.61 -6.18
C TYR B 281 3.77 28.11 -5.93
N ALA B 282 3.07 27.65 -4.91
CA ALA B 282 3.09 26.24 -4.55
C ALA B 282 1.68 25.80 -4.17
N PHE B 283 1.42 24.52 -4.37
CA PHE B 283 0.14 23.94 -3.95
C PHE B 283 0.07 23.96 -2.43
N MET B 284 -1.06 24.39 -1.89
CA MET B 284 -1.31 24.32 -0.46
C MET B 284 -2.48 23.39 -0.22
N GLY B 285 -2.24 22.29 0.48
CA GLY B 285 -3.29 21.34 0.77
C GLY B 285 -3.38 21.12 2.26
N GLY B 286 -3.81 19.93 2.66
CA GLY B 286 -3.92 19.61 4.06
C GLY B 286 -5.29 19.07 4.37
N SER B 287 -5.56 18.89 5.66
CA SER B 287 -6.81 18.30 6.09
C SER B 287 -7.36 19.07 7.30
N ASN B 288 -8.67 19.09 7.40
CA ASN B 288 -9.39 19.62 8.54
C ASN B 288 -10.07 18.48 9.28
N LEU B 289 -10.50 18.78 10.50
CA LEU B 289 -11.35 17.89 11.28
C LEU B 289 -12.72 18.54 11.44
N VAL B 290 -13.78 17.74 11.32
CA VAL B 290 -15.14 18.22 11.47
C VAL B 290 -15.87 17.32 12.46
N ILE B 291 -16.93 17.86 13.04
CA ILE B 291 -17.82 17.13 13.94
C ILE B 291 -19.17 17.03 13.26
N PHE B 292 -19.68 15.81 13.13
CA PHE B 292 -21.00 15.61 12.54
C PHE B 292 -22.08 16.09 13.49
N ASN B 293 -23.13 16.70 12.92
CA ASN B 293 -24.26 17.15 13.73
C ASN B 293 -24.99 15.98 14.39
N SER B 294 -24.88 14.78 13.84
CA SER B 294 -25.53 13.61 14.41
C SER B 294 -24.78 13.03 15.61
N SER B 295 -23.64 13.60 15.99
CA SER B 295 -22.87 13.08 17.11
C SER B 295 -23.66 13.22 18.41
N LYS B 296 -23.64 12.17 19.23
CA LYS B 296 -24.32 12.16 20.52
C LYS B 296 -23.45 12.62 21.68
N ASN B 297 -22.21 13.05 21.42
CA ASN B 297 -21.29 13.49 22.46
C ASN B 297 -20.45 14.64 21.91
N LYS B 298 -21.10 15.76 21.60
CA LYS B 298 -20.41 16.87 20.95
C LYS B 298 -19.43 17.57 21.89
N ASP B 299 -19.70 17.57 23.19
CA ASP B 299 -18.78 18.23 24.11
C ASP B 299 -17.44 17.52 24.17
N GLU B 300 -17.45 16.19 24.25
CA GLU B 300 -16.20 15.44 24.24
C GLU B 300 -15.54 15.49 22.86
N ALA B 301 -16.34 15.45 21.79
CA ALA B 301 -15.77 15.55 20.45
C ALA B 301 -15.01 16.87 20.28
N LEU B 302 -15.55 17.95 20.83
CA LEU B 302 -14.86 19.24 20.77
C LEU B 302 -13.58 19.20 21.60
N GLU B 303 -13.61 18.52 22.75
CA GLU B 303 -12.40 18.37 23.55
C GLU B 303 -11.32 17.64 22.79
N LEU B 304 -11.69 16.63 21.99
CA LEU B 304 -10.69 15.90 21.23
C LEU B 304 -10.13 16.75 20.10
N LEU B 305 -11.00 17.50 19.40
CA LEU B 305 -10.52 18.41 18.38
C LEU B 305 -9.54 19.43 18.96
N LYS B 306 -9.88 20.01 20.12
CA LYS B 306 -8.97 20.95 20.76
C LYS B 306 -7.64 20.29 21.12
N PHE B 307 -7.68 19.02 21.52
CA PHE B 307 -6.44 18.31 21.81
C PHE B 307 -5.57 18.19 20.56
N PHE B 308 -6.19 17.82 19.43
CA PHE B 308 -5.43 17.68 18.19
C PHE B 308 -4.79 19.00 17.78
N ALA B 309 -5.36 20.13 18.22
CA ALA B 309 -4.77 21.45 17.99
C ALA B 309 -3.73 21.82 19.03
N SER B 310 -3.56 21.04 20.09
CA SER B 310 -2.57 21.37 21.11
C SER B 310 -1.17 21.24 20.53
N LYS B 311 -0.23 21.98 21.14
CA LYS B 311 1.13 22.04 20.60
C LYS B 311 1.75 20.65 20.45
N GLU B 312 1.66 19.83 21.50
CA GLU B 312 2.37 18.55 21.46
C GLU B 312 1.71 17.56 20.50
N ALA B 313 0.38 17.55 20.44
CA ALA B 313 -0.29 16.68 19.47
C ALA B 313 0.06 17.08 18.05
N GLN B 314 0.22 18.38 17.79
CA GLN B 314 0.59 18.84 16.46
C GLN B 314 2.01 18.39 16.11
N VAL B 315 2.94 18.54 17.04
CA VAL B 315 4.32 18.12 16.80
C VAL B 315 4.39 16.60 16.63
N GLU B 316 3.69 15.87 17.50
CA GLU B 316 3.81 14.41 17.50
C GLU B 316 3.21 13.80 16.25
N TYR B 317 2.05 14.29 15.82
CA TYR B 317 1.46 13.76 14.59
C TYR B 317 2.29 14.14 13.38
N SER B 318 2.96 15.29 13.45
CA SER B 318 3.86 15.69 12.36
C SER B 318 5.08 14.79 12.28
N LYS B 319 5.62 14.38 13.42
CA LYS B 319 6.81 13.52 13.41
C LYS B 319 6.53 12.19 12.72
N VAL B 320 5.34 11.63 12.94
CA VAL B 320 5.00 10.33 12.36
C VAL B 320 4.44 10.47 10.95
N SER B 321 3.63 11.50 10.69
CA SER B 321 2.97 11.63 9.40
C SER B 321 3.79 12.41 8.37
N LYS B 322 4.73 13.24 8.83
CA LYS B 322 5.49 14.21 8.04
C LYS B 322 4.62 15.36 7.54
N MET B 323 3.33 15.40 7.89
CA MET B 323 2.53 16.58 7.58
C MET B 323 2.98 17.76 8.44
N LEU B 324 2.60 18.96 8.01
CA LEU B 324 2.98 20.19 8.69
C LEU B 324 1.90 20.64 9.66
N PRO B 325 2.30 21.10 10.85
CA PRO B 325 1.31 21.66 11.79
C PRO B 325 0.66 22.93 11.27
N VAL B 326 -0.56 23.16 11.74
CA VAL B 326 -1.31 24.38 11.46
C VAL B 326 -1.35 25.33 12.65
N VAL B 327 -0.74 24.95 13.76
CA VAL B 327 -0.76 25.75 14.98
C VAL B 327 0.59 26.44 15.15
N LYS B 328 0.56 27.77 15.34
CA LYS B 328 1.79 28.56 15.36
C LYS B 328 2.79 28.04 16.38
N ALA B 329 2.33 27.73 17.60
CA ALA B 329 3.25 27.38 18.67
C ALA B 329 3.96 26.06 18.42
N ALA B 330 3.44 25.21 17.53
CA ALA B 330 4.10 23.95 17.24
C ALA B 330 5.47 24.17 16.60
N TYR B 331 5.67 25.30 15.93
CA TYR B 331 6.92 25.59 15.24
C TYR B 331 8.01 26.13 16.16
N GLU B 332 7.76 26.23 17.46
CA GLU B 332 8.85 26.49 18.39
C GLU B 332 9.70 25.26 18.63
N ASP B 333 9.24 24.08 18.18
CA ASP B 333 9.95 22.82 18.35
C ASP B 333 11.12 22.73 17.36
N PRO B 334 12.29 22.29 17.81
CA PRO B 334 13.45 22.20 16.90
C PRO B 334 13.30 21.21 15.76
N TYR B 335 12.32 20.30 15.82
CA TYR B 335 12.21 19.27 14.79
C TYR B 335 12.00 19.87 13.40
N PHE B 336 11.34 21.01 13.31
CA PHE B 336 11.01 21.57 12.01
C PHE B 336 12.14 22.39 11.41
N GLU B 337 13.34 22.28 11.98
CA GLU B 337 14.56 22.72 11.32
C GLU B 337 15.15 21.60 10.48
N ASP B 338 14.44 20.48 10.37
CA ASP B 338 14.89 19.33 9.60
C ASP B 338 15.12 19.69 8.14
N SER B 339 16.19 19.14 7.57
CA SER B 339 16.65 19.58 6.25
C SER B 339 15.57 19.41 5.20
N LEU B 340 14.84 18.29 5.24
CA LEU B 340 13.75 18.10 4.29
C LEU B 340 12.51 18.87 4.71
N MET B 341 12.12 18.74 5.98
CA MET B 341 10.89 19.37 6.47
C MET B 341 10.92 20.89 6.34
N LYS B 342 12.09 21.51 6.56
CA LYS B 342 12.16 22.97 6.53
C LYS B 342 11.81 23.53 5.16
N VAL B 343 12.04 22.77 4.09
CA VAL B 343 11.71 23.26 2.75
C VAL B 343 10.20 23.31 2.58
N PHE B 344 9.49 22.28 3.02
CA PHE B 344 8.03 22.27 2.90
C PHE B 344 7.41 23.42 3.70
N LYS B 345 7.94 23.67 4.90
CA LYS B 345 7.39 24.74 5.73
C LYS B 345 7.63 26.11 5.11
N GLU B 346 8.85 26.37 4.65
CA GLU B 346 9.15 27.67 4.05
C GLU B 346 8.36 27.86 2.76
N GLN B 347 8.21 26.81 1.97
CA GLN B 347 7.48 26.93 0.70
C GLN B 347 6.00 27.22 0.93
N VAL B 348 5.36 26.47 1.84
CA VAL B 348 3.92 26.65 2.00
C VAL B 348 3.62 28.00 2.66
N ASP B 349 4.51 28.46 3.53
CA ASP B 349 4.31 29.75 4.20
C ASP B 349 4.42 30.91 3.22
N LYS B 350 5.49 30.94 2.44
CA LYS B 350 5.75 32.10 1.58
C LYS B 350 4.94 32.04 0.28
N TYR B 351 4.71 30.85 -0.27
CA TYR B 351 4.21 30.72 -1.62
C TYR B 351 2.99 29.83 -1.76
N GLY B 352 2.50 29.24 -0.66
CA GLY B 352 1.40 28.29 -0.76
C GLY B 352 0.10 28.99 -1.14
N LYS B 353 -0.61 28.43 -2.11
CA LYS B 353 -1.89 28.95 -2.56
C LYS B 353 -2.91 27.81 -2.52
N HIS B 354 -4.02 28.04 -1.84
CA HIS B 354 -5.10 27.08 -1.72
C HIS B 354 -6.22 27.41 -2.70
N TYR B 355 -6.90 26.37 -3.17
CA TYR B 355 -8.07 26.55 -4.01
C TYR B 355 -9.14 27.35 -3.27
N ALA B 356 -10.04 27.97 -4.05
CA ALA B 356 -11.21 28.61 -3.47
C ALA B 356 -12.02 27.60 -2.67
N SER B 357 -12.41 27.99 -1.45
CA SER B 357 -13.14 27.10 -0.54
C SER B 357 -14.65 27.23 -0.81
N VAL B 358 -15.05 26.75 -1.98
CA VAL B 358 -16.43 26.86 -2.44
C VAL B 358 -17.09 25.48 -2.43
N PRO B 359 -18.43 25.41 -2.27
CA PRO B 359 -19.08 24.10 -2.11
C PRO B 359 -18.91 23.17 -3.29
N GLY B 360 -18.82 23.70 -4.51
CA GLY B 360 -18.68 22.84 -5.67
C GLY B 360 -17.30 22.29 -5.93
N TRP B 361 -16.31 22.62 -5.10
CA TRP B 361 -14.94 22.28 -5.46
C TRP B 361 -14.68 20.78 -5.42
N ALA B 362 -15.29 20.08 -4.46
CA ALA B 362 -15.08 18.63 -4.39
C ALA B 362 -15.56 17.95 -5.67
N SER B 363 -16.76 18.32 -6.13
CA SER B 363 -17.24 17.82 -7.41
C SER B 363 -16.31 18.23 -8.54
N ALA B 364 -15.74 19.44 -8.46
CA ALA B 364 -14.81 19.89 -9.50
C ALA B 364 -13.60 18.98 -9.58
N GLU B 365 -13.10 18.50 -8.45
CA GLU B 365 -11.92 17.64 -8.45
C GLU B 365 -12.22 16.31 -9.15
N VAL B 366 -13.45 15.81 -9.05
CA VAL B 366 -13.83 14.62 -9.81
C VAL B 366 -13.71 14.90 -11.30
N ILE B 367 -14.12 16.10 -11.73
CA ILE B 367 -14.09 16.44 -13.15
C ILE B 367 -12.65 16.65 -13.64
N PHE B 368 -11.87 17.36 -12.83
CA PHE B 368 -10.47 17.58 -13.12
C PHE B 368 -9.75 16.26 -13.28
N SER B 369 -9.95 15.34 -12.36
CA SER B 369 -9.34 14.02 -12.42
C SER B 369 -9.63 13.33 -13.77
N GLU B 370 -10.89 13.20 -14.11
CA GLU B 370 -11.28 12.60 -15.41
C GLU B 370 -10.75 13.41 -16.60
N GLY B 371 -10.95 14.73 -16.58
CA GLY B 371 -10.67 15.57 -17.73
C GLY B 371 -9.22 15.90 -17.99
N LEU B 372 -8.50 16.34 -16.95
CA LEU B 372 -7.09 16.68 -17.13
C LEU B 372 -6.22 15.46 -17.43
N SER B 373 -6.66 14.26 -17.04
CA SER B 373 -5.94 13.05 -17.39
C SER B 373 -5.90 12.83 -18.89
N LYS B 374 -6.91 13.33 -19.61
CA LYS B 374 -6.91 13.22 -21.06
C LYS B 374 -5.77 14.00 -21.69
N ILE B 375 -5.24 15.02 -21.00
CA ILE B 375 -4.04 15.70 -21.48
C ILE B 375 -2.86 14.75 -21.51
N TRP B 376 -2.74 13.88 -20.49
CA TRP B 376 -1.66 12.91 -20.50
C TRP B 376 -1.85 11.85 -21.58
N ASP B 377 -3.11 11.48 -21.87
CA ASP B 377 -3.35 10.58 -23.00
C ASP B 377 -2.90 11.22 -24.31
N ASN B 378 -3.16 12.52 -24.46
CA ASN B 378 -2.70 13.25 -25.64
C ASN B 378 -1.18 13.25 -25.72
N VAL B 379 -0.52 13.61 -24.62
CA VAL B 379 0.94 13.62 -24.55
C VAL B 379 1.51 12.23 -24.85
N MET B 380 0.91 11.19 -24.29
CA MET B 380 1.44 9.84 -24.46
C MET B 380 1.11 9.23 -25.81
N GLU B 381 0.31 9.92 -26.64
CA GLU B 381 0.02 9.49 -28.00
C GLU B 381 -0.65 8.12 -28.02
N VAL B 382 -1.58 7.89 -27.09
CA VAL B 382 -2.37 6.66 -27.13
C VAL B 382 -3.40 6.73 -28.25
N ASP B 383 -3.87 7.94 -28.60
CA ASP B 383 -4.83 8.15 -29.67
C ASP B 383 -4.27 9.23 -30.60
N GLY B 384 -3.29 8.84 -31.42
CA GLY B 384 -2.76 9.73 -32.43
C GLY B 384 -1.57 10.55 -31.96
N ALA B 385 -0.98 11.26 -32.91
CA ALA B 385 0.14 12.13 -32.61
C ALA B 385 -0.28 13.20 -31.60
N TYR B 386 0.66 13.58 -30.74
CA TYR B 386 0.41 14.67 -29.81
C TYR B 386 0.06 15.94 -30.56
N SER B 387 -0.89 16.70 -30.03
CA SER B 387 -1.25 17.99 -30.61
C SER B 387 -1.58 18.95 -29.48
N TYR B 388 -0.92 20.11 -29.48
CA TYR B 388 -1.24 21.11 -28.48
C TYR B 388 -2.67 21.62 -28.64
N ASP B 389 -3.19 21.62 -29.87
CA ASP B 389 -4.57 22.03 -30.08
C ASP B 389 -5.55 21.10 -29.37
N LYS B 390 -5.22 19.81 -29.29
CA LYS B 390 -6.07 18.87 -28.56
C LYS B 390 -6.05 19.15 -27.05
N THR B 391 -4.88 19.52 -26.51
CA THR B 391 -4.83 19.94 -25.11
C THR B 391 -5.73 21.14 -24.86
N VAL B 392 -5.68 22.13 -25.75
CA VAL B 392 -6.52 23.31 -25.61
C VAL B 392 -7.99 22.92 -25.61
N GLN B 393 -8.39 22.02 -26.50
CA GLN B 393 -9.78 21.59 -26.56
C GLN B 393 -10.18 20.82 -25.30
N ILE B 394 -9.27 20.01 -24.75
CA ILE B 394 -9.57 19.29 -23.51
C ILE B 394 -9.81 20.26 -22.36
N VAL B 395 -8.95 21.28 -22.24
CA VAL B 395 -9.09 22.26 -21.17
C VAL B 395 -10.38 23.06 -21.33
N LYS B 396 -10.70 23.43 -22.58
CA LYS B 396 -11.95 24.14 -22.84
C LYS B 396 -13.16 23.31 -22.42
N ASP B 397 -13.12 22.00 -22.68
CA ASP B 397 -14.24 21.14 -22.30
C ASP B 397 -14.33 21.00 -20.79
N VAL B 398 -13.19 20.85 -20.12
CA VAL B 398 -13.18 20.77 -18.66
C VAL B 398 -13.69 22.07 -18.06
N GLU B 399 -13.32 23.20 -18.66
CA GLU B 399 -13.77 24.49 -18.12
C GLU B 399 -15.28 24.62 -18.16
N SER B 400 -15.92 24.19 -19.25
CA SER B 400 -17.37 24.25 -19.31
C SER B 400 -18.00 23.36 -18.25
N GLN B 401 -17.46 22.15 -18.06
CA GLN B 401 -17.99 21.26 -17.04
C GLN B 401 -17.84 21.88 -15.65
N ILE B 402 -16.71 22.52 -15.38
CA ILE B 402 -16.51 23.17 -14.08
C ILE B 402 -17.48 24.32 -13.91
N ASN B 403 -17.71 25.10 -14.97
CA ASN B 403 -18.66 26.19 -14.90
C ASN B 403 -20.07 25.69 -14.58
N GLN B 404 -20.46 24.54 -15.14
CA GLN B 404 -21.76 23.96 -14.82
C GLN B 404 -21.85 23.64 -13.33
N ILE B 405 -20.76 23.14 -12.75
CA ILE B 405 -20.76 22.83 -11.32
C ILE B 405 -20.88 24.10 -10.49
N LEU B 406 -20.07 25.11 -10.82
CA LEU B 406 -20.13 26.37 -10.09
C LEU B 406 -21.49 27.05 -10.21
N GLN B 407 -22.17 26.88 -11.34
CA GLN B 407 -23.48 27.50 -11.52
C GLN B 407 -24.57 26.82 -10.72
N GLU B 408 -24.33 25.62 -10.19
CA GLU B 408 -25.32 24.94 -9.37
C GLU B 408 -25.49 25.66 -8.03
C2 BGC C . -5.90 1.43 1.12
C3 BGC C . -4.98 0.29 1.37
C4 BGC C . -4.96 -0.71 0.26
C5 BGC C . -5.06 -0.14 -1.17
C6 BGC C . -5.71 -1.10 -2.13
C1 BGC C . -5.47 2.08 -0.18
O1 BGC C . -6.12 3.26 -0.36
O2 BGC C . -5.81 2.39 2.19
O3 BGC C . -5.36 -0.37 2.62
O4 BGC C . -3.70 -1.37 0.38
O5 BGC C . -5.78 1.15 -1.30
O6 BGC C . -6.30 -2.18 -1.45
C2 BGC C . -2.97 -3.47 -0.51
C3 BGC C . -3.05 -4.94 -0.42
C4 BGC C . -2.80 -5.45 0.95
C5 BGC C . -3.70 -4.75 1.99
C6 BGC C . -3.28 -5.12 3.38
C1 BGC C . -3.91 -2.80 0.49
O2 BGC C . -3.35 -3.06 -1.83
O3 BGC C . -2.07 -5.51 -1.34
O4 BGC C . -3.08 -6.85 0.92
O5 BGC C . -3.65 -3.29 1.90
O6 BGC C . -2.13 -4.39 3.74
C2 BGC C . -2.40 -8.90 1.95
C3 BGC C . -1.27 -9.62 2.59
C4 BGC C . -0.12 -9.82 1.64
C5 BGC C . 0.25 -8.56 0.85
C6 BGC C . 1.13 -8.94 -0.31
C1 BGC C . -1.93 -7.57 1.40
O2 BGC C . -3.45 -8.65 2.91
O3 BGC C . -1.75 -10.91 3.07
O4 BGC C . 1.04 -10.15 2.39
O5 BGC C . -0.91 -7.81 0.33
O6 BGC C . 1.64 -7.77 -0.86
C2 BGC C . 2.82 -11.74 2.64
C3 BGC C . 3.22 -13.17 2.73
C4 BGC C . 2.22 -14.03 3.44
C5 BGC C . 0.82 -13.82 2.87
C6 BGC C . -0.19 -14.64 3.61
C1 BGC C . 1.37 -11.53 2.22
O2 BGC C . 3.65 -11.07 1.68
O3 BGC C . 4.50 -13.23 3.44
O4 BGC C . 2.57 -15.41 3.28
O5 BGC C . 0.43 -12.41 2.97
O6 BGC C . -0.30 -14.17 4.93
C2 BGC C . 2.74 -17.46 4.57
C3 BGC C . 3.22 -18.08 5.84
C4 BGC C . 4.64 -17.75 6.12
C5 BGC C . 4.88 -16.23 6.10
C6 BGC C . 6.33 -15.94 6.29
C1 BGC C . 3.00 -15.96 4.55
O2 BGC C . 1.34 -17.71 4.42
O3 BGC C . 3.07 -19.53 5.73
O4 BGC C . 4.99 -18.26 7.42
O5 BGC C . 4.44 -15.66 4.82
O6 BGC C . 7.08 -16.52 5.25
C2 BGC D . 3.91 -1.62 2.03
C3 BGC D . 3.92 -0.39 2.85
C4 BGC D . 2.80 0.56 2.52
C5 BGC D . 1.43 -0.12 2.35
C6 BGC D . 0.52 0.74 1.53
C1 BGC D . 2.58 -2.33 2.11
O1 BGC D . 2.61 -3.43 1.31
O2 BGC D . 4.94 -2.50 2.52
O3 BGC D . 5.19 0.30 2.68
O4 BGC D . 2.80 1.44 3.64
O5 BGC D . 1.47 -1.42 1.68
O6 BGC D . -0.55 1.20 2.32
C2 BGC D . 3.00 3.32 1.97
C3 BGC D . 2.71 4.77 1.77
C4 BGC D . 1.38 5.26 2.26
C5 BGC D . 0.91 4.61 3.56
C6 BGC D . -0.56 4.81 3.79
C1 BGC D . 2.58 2.85 3.37
O2 BGC D . 4.41 3.12 1.78
O3 BGC D . 2.83 5.08 0.35
O4 BGC D . 1.55 6.66 2.49
O5 BGC D . 1.14 3.16 3.58
O6 BGC D . -0.87 4.42 5.09
C2 BGC D . 0.39 8.77 2.56
C3 BGC D . -0.78 9.52 2.03
C4 BGC D . -0.71 9.68 0.54
C5 BGC D . -0.37 8.37 -0.20
C6 BGC D . -0.01 8.70 -1.62
C1 BGC D . 0.51 7.42 1.86
O2 BGC D . 0.26 8.54 3.97
O3 BGC D . -0.82 10.83 2.65
O4 BGC D . -2.02 10.05 0.08
O5 BGC D . 0.75 7.63 0.39
O6 BGC D . -0.11 7.52 -2.39
C2 BGC D . -3.25 11.64 -1.21
C3 BGC D . -3.59 13.06 -1.47
C4 BGC D . -3.61 13.90 -0.22
C5 BGC D . -2.34 13.72 0.60
C6 BGC D . -2.41 14.50 1.88
C1 BGC D . -2.06 11.44 -0.28
O2 BGC D . -2.95 10.99 -2.46
O3 BGC D . -4.88 13.12 -2.12
O4 BGC D . -3.72 15.27 -0.59
O5 BGC D . -2.10 12.31 0.93
O6 BGC D . -3.33 13.89 2.75
C2 BGC D . -4.84 17.30 0.02
C3 BGC D . -6.14 17.94 0.34
C4 BGC D . -7.23 17.61 -0.62
C5 BGC D . -7.34 16.09 -0.84
C6 BGC D . -8.36 15.80 -1.91
C1 BGC D . -4.99 15.80 -0.22
O2 BGC D . -3.94 17.50 1.11
O3 BGC D . -5.94 19.39 0.36
O4 BGC D . -8.46 18.08 -0.09
O5 BGC D . -6.05 15.51 -1.23
O6 BGC D . -7.95 16.32 -3.14
#